data_4JW1
#
_entry.id   4JW1
#
_cell.length_a   101.536
_cell.length_b   159.418
_cell.length_c   181.146
_cell.angle_alpha   90.00
_cell.angle_beta   90.00
_cell.angle_gamma   90.00
#
_symmetry.space_group_name_H-M   'C 2 2 21'
#
loop_
_entity.id
_entity.type
_entity.pdbx_description
1 polymer 'Effector protein B'
2 non-polymer GLYCEROL
3 non-polymer 'CITRATE ANION'
4 water water
#
_entity_poly.entity_id   1
_entity_poly.type   'polypeptide(L)'
_entity_poly.pdbx_seq_one_letter_code
;HHHHHHGP(MSE)LIYQGKEIVRFAAATGGKNKSDVDGFYKDNDGGKFFIKKPGDPRELFTELFAGLLLKEF(MSE)KRG
LIDESYFPSLICADVIQFEDKSYGLIQPLVSFDELHKVIGTSSGDGKDRNTLKETLFGPGYYAGITKQNKYFGLS(MSE)
AL(MSE)FSLLLGAHSVHSGNIVVLNGEEKEKSKQFGRIDWGDAFRYFAHPNNNDNLLYAYENRGWFNYKSLTKDYFLNY
KKINGLFPA(MSE)AEKARQLQSKLNPELLVKIVTSALKNIPADLIDEKTKIQLAAY(MSE)C(MSE)DSFKEATFGTEG
NCKDFAIA(MSE)ATLLENRLGKIAVLKD(MSE)SPLSNPEELYQSILELKPLTLL(MSE)TSSTSFSETINQWADILKT
TD(MSE)EKFSFDSNPINLLELVKQFNLYVDELAITCEANNVWAKERIDSTPNLFALYDNSGGEAIHGHAFVPYYKESIV
LRRLFTVDPNTFNLSRFAAFEGPCQLYCKEHKDSAWVKIQTLLTLGNGIINTLKIIKQAQAFGIDEAVTENLKALKEQFI
AFQLAEADIKESLKAPSFAEPLPNKESEFFYPIDEKALAK(MSE)NGYQLATICLEELNSPKPSPLIERILSNKKFWKRI
NSAFESGVFKGRTDDPAGKIAKIREWHQLLQISG
;
_entity_poly.pdbx_strand_id   A,B
#
# COMPACT_ATOMS: atom_id res chain seq x y z
N VAL A 18 -12.20 40.16 1.76
CA VAL A 18 -13.15 39.65 0.78
C VAL A 18 -12.69 38.32 0.20
N ARG A 19 -13.62 37.53 -0.28
CA ARG A 19 -13.38 36.13 -0.49
C ARG A 19 -13.39 35.66 -1.93
N PHE A 20 -12.59 34.63 -2.20
CA PHE A 20 -12.80 33.66 -3.26
C PHE A 20 -12.47 32.31 -2.63
N ALA A 21 -12.43 31.24 -3.43
CA ALA A 21 -12.09 29.93 -2.89
C ALA A 21 -11.17 29.17 -3.83
N GLY A 34 -12.51 29.03 3.16
CA GLY A 34 -12.53 30.11 2.20
C GLY A 34 -11.26 30.95 2.18
N PHE A 35 -10.82 31.33 1.00
CA PHE A 35 -9.55 32.03 0.82
C PHE A 35 -9.77 33.52 0.65
N TYR A 36 -9.10 34.32 1.49
CA TYR A 36 -9.47 35.73 1.59
C TYR A 36 -8.42 36.73 1.09
N LYS A 37 -8.77 37.99 1.12
CA LYS A 37 -7.89 38.95 0.56
C LYS A 37 -8.00 40.27 1.24
N ASP A 38 -6.84 40.88 1.41
CA ASP A 38 -6.69 42.14 2.10
C ASP A 38 -6.42 43.19 1.02
N ASN A 39 -6.74 44.48 1.25
CA ASN A 39 -6.65 45.56 0.26
C ASN A 39 -5.33 45.73 -0.45
N ASP A 40 -4.27 45.82 0.33
CA ASP A 40 -2.96 46.11 -0.22
C ASP A 40 -2.11 44.86 -0.42
N GLY A 41 -2.21 43.93 0.53
CA GLY A 41 -1.44 42.70 0.47
C GLY A 41 -1.90 41.78 1.57
N GLY A 42 -1.68 40.49 1.39
CA GLY A 42 -2.12 39.51 2.37
C GLY A 42 -3.15 38.55 1.83
N LYS A 43 -3.11 37.32 2.32
CA LYS A 43 -4.03 36.27 1.89
C LYS A 43 -4.41 35.42 3.10
N PHE A 44 -5.62 34.86 3.11
CA PHE A 44 -6.08 34.17 4.32
C PHE A 44 -6.84 32.85 4.13
N PHE A 45 -6.90 32.10 5.24
CA PHE A 45 -7.69 30.88 5.29
CA PHE A 45 -7.56 30.81 5.40
C PHE A 45 -8.64 30.99 6.47
N ILE A 46 -9.91 30.78 6.20
CA ILE A 46 -10.88 30.90 7.28
C ILE A 46 -11.71 29.64 7.47
N LYS A 47 -11.31 28.81 8.43
CA LYS A 47 -12.08 27.61 8.73
C LYS A 47 -13.11 27.86 9.83
N LYS A 48 -14.31 27.34 9.62
CA LYS A 48 -15.34 27.36 10.63
C LYS A 48 -15.44 25.96 11.16
N PRO A 49 -14.93 25.75 12.35
CA PRO A 49 -14.97 24.43 12.99
C PRO A 49 -16.37 24.11 13.53
N GLY A 50 -16.77 22.84 13.45
CA GLY A 50 -18.08 22.42 13.89
C GLY A 50 -18.21 22.35 15.40
N ASP A 51 -17.20 21.78 16.04
CA ASP A 51 -17.16 21.68 17.50
C ASP A 51 -16.90 23.07 18.08
N PRO A 52 -17.71 23.47 19.09
CA PRO A 52 -17.49 24.75 19.75
C PRO A 52 -16.19 24.76 20.56
N ARG A 53 -15.79 23.58 21.03
CA ARG A 53 -14.64 23.44 21.92
C ARG A 53 -13.30 23.55 21.17
N GLU A 54 -13.23 22.98 19.98
CA GLU A 54 -12.01 23.00 19.20
C GLU A 54 -11.65 24.41 18.73
N LEU A 55 -12.67 25.25 18.57
CA LEU A 55 -12.48 26.66 18.24
C LEU A 55 -11.66 27.32 19.33
N PHE A 56 -12.11 27.16 20.58
CA PHE A 56 -11.40 27.71 21.72
C PHE A 56 -10.02 27.10 21.85
N THR A 57 -9.92 25.78 21.71
CA THR A 57 -8.63 25.12 21.91
C THR A 57 -7.57 25.60 20.89
N GLU A 58 -7.92 25.56 19.61
CA GLU A 58 -7.06 26.06 18.53
C GLU A 58 -6.70 27.52 18.76
N LEU A 59 -7.73 28.36 18.91
CA LEU A 59 -7.53 29.80 19.09
C LEU A 59 -6.63 30.13 20.26
N PHE A 60 -6.80 29.39 21.37
CA PHE A 60 -6.04 29.63 22.59
C PHE A 60 -4.58 29.27 22.35
N ALA A 61 -4.35 28.09 21.75
CA ALA A 61 -2.99 27.72 21.39
C ALA A 61 -2.34 28.84 20.57
N GLY A 62 -3.08 29.29 19.55
CA GLY A 62 -2.63 30.36 18.68
C GLY A 62 -2.24 31.64 19.39
N LEU A 63 -3.13 32.14 20.23
CA LEU A 63 -2.90 33.41 20.92
C LEU A 63 -1.78 33.30 21.95
N LEU A 64 -1.63 32.11 22.51
CA LEU A 64 -0.56 31.86 23.48
C LEU A 64 0.81 31.88 22.79
N LEU A 65 0.92 31.12 21.70
CA LEU A 65 2.14 31.13 20.89
C LEU A 65 2.46 32.54 20.42
N LYS A 66 1.45 33.20 19.85
CA LYS A 66 1.57 34.57 19.39
C LYS A 66 2.05 35.49 20.50
N GLU A 67 1.63 35.21 21.73
CA GLU A 67 2.08 35.99 22.88
C GLU A 67 3.57 35.77 23.15
N PHE A 68 3.98 34.50 23.12
CA PHE A 68 5.40 34.18 23.24
C PHE A 68 6.25 34.92 22.20
N LYS A 70 5.47 37.45 20.60
CA LYS A 70 5.25 38.88 20.76
C LYS A 70 6.16 39.46 21.82
N ARG A 71 6.48 38.66 22.83
CA ARG A 71 7.35 39.13 23.91
C ARG A 71 8.83 38.93 23.61
N GLY A 72 9.12 38.37 22.43
CA GLY A 72 10.50 38.14 22.03
C GLY A 72 11.18 37.07 22.84
N LEU A 73 10.41 36.10 23.31
CA LEU A 73 10.97 34.99 24.08
C LEU A 73 11.66 34.00 23.16
N ILE A 74 11.26 33.99 21.88
CA ILE A 74 11.93 33.17 20.88
C ILE A 74 12.39 34.03 19.71
N ASP A 75 13.47 33.60 19.05
CA ASP A 75 14.07 34.37 17.96
C ASP A 75 13.12 34.51 16.77
N GLU A 76 13.26 35.61 16.04
CA GLU A 76 12.39 35.92 14.91
C GLU A 76 12.56 34.94 13.76
N SER A 77 13.61 34.14 13.82
CA SER A 77 13.86 33.13 12.80
C SER A 77 13.05 31.87 13.07
N TYR A 78 12.29 31.88 14.16
CA TYR A 78 11.48 30.72 14.54
C TYR A 78 9.99 31.02 14.41
N PHE A 79 9.65 32.28 14.18
CA PHE A 79 8.26 32.70 14.05
C PHE A 79 7.47 31.90 13.00
N PRO A 80 8.06 31.67 11.80
CA PRO A 80 7.31 30.86 10.84
C PRO A 80 7.24 29.36 11.18
N SER A 81 7.91 28.96 12.26
CA SER A 81 7.91 27.56 12.71
C SER A 81 6.69 27.22 13.55
N LEU A 82 5.94 28.25 13.95
CA LEU A 82 4.71 28.06 14.71
C LEU A 82 3.55 28.68 13.95
N ILE A 83 2.90 27.87 13.13
CA ILE A 83 1.81 28.33 12.27
C ILE A 83 0.46 28.12 12.93
N CYS A 84 -0.08 29.18 13.52
CA CYS A 84 -1.28 29.07 14.31
C CYS A 84 -2.38 30.03 13.84
N ALA A 85 -3.58 29.87 14.41
CA ALA A 85 -4.74 30.62 13.95
C ALA A 85 -5.15 31.76 14.87
N ASP A 86 -5.92 32.70 14.31
CA ASP A 86 -6.49 33.81 15.06
C ASP A 86 -8.01 33.72 14.88
N VAL A 87 -8.75 34.53 15.64
CA VAL A 87 -10.20 34.55 15.52
C VAL A 87 -10.65 35.66 14.57
N ILE A 88 -11.77 35.44 13.89
CA ILE A 88 -12.34 36.45 13.01
C ILE A 88 -13.84 36.59 13.19
N GLN A 89 -14.34 37.81 13.00
CA GLN A 89 -15.78 38.08 13.15
C GLN A 89 -16.54 38.01 11.82
N PHE A 90 -17.67 37.32 11.84
CA PHE A 90 -18.49 37.10 10.65
C PHE A 90 -19.66 38.07 10.56
N GLU A 91 -20.35 38.05 9.41
CA GLU A 91 -21.60 38.77 9.25
C GLU A 91 -22.65 38.16 10.18
N ASP A 92 -22.69 36.84 10.21
CA ASP A 92 -23.59 36.06 11.08
C ASP A 92 -23.64 36.64 12.49
N LYS A 93 -22.45 36.75 13.09
CA LYS A 93 -22.14 37.23 14.44
C LYS A 93 -21.27 36.18 15.13
N SER A 94 -21.08 35.05 14.44
CA SER A 94 -20.27 33.96 14.96
C SER A 94 -18.80 34.16 14.63
N TYR A 95 -17.94 33.28 15.13
CA TYR A 95 -16.50 33.44 14.99
C TYR A 95 -15.89 32.38 14.15
N GLY A 96 -14.78 32.71 13.51
CA GLY A 96 -14.08 31.78 12.67
C GLY A 96 -12.61 31.71 13.03
N LEU A 97 -11.92 30.70 12.52
CA LEU A 97 -10.47 30.61 12.70
C LEU A 97 -9.77 31.08 11.44
N ILE A 98 -9.07 32.21 11.57
CA ILE A 98 -8.40 32.86 10.45
C ILE A 98 -6.88 32.70 10.53
N GLN A 99 -6.28 32.20 9.46
CA GLN A 99 -4.88 31.80 9.45
C GLN A 99 -4.18 32.30 8.20
N PRO A 100 -2.97 32.87 8.37
CA PRO A 100 -2.17 33.30 7.22
C PRO A 100 -1.94 32.16 6.23
N LEU A 101 -1.87 32.49 4.94
CA LEU A 101 -1.64 31.49 3.91
C LEU A 101 -0.16 31.32 3.68
N VAL A 102 0.35 30.15 4.07
CA VAL A 102 1.77 29.90 3.95
C VAL A 102 2.07 28.84 2.90
N SER A 103 3.12 29.03 2.12
CA SER A 103 3.53 28.02 1.15
C SER A 103 4.34 26.93 1.86
N PHE A 104 3.78 25.73 1.91
CA PHE A 104 4.44 24.60 2.57
C PHE A 104 3.97 23.27 2.00
N ASP A 105 4.77 22.22 2.19
CA ASP A 105 4.34 20.89 1.79
C ASP A 105 4.20 20.00 3.00
N GLU A 106 3.15 19.22 3.13
CA GLU A 106 3.02 18.42 4.29
C GLU A 106 4.11 17.41 4.25
N LEU A 107 4.34 16.65 5.31
CA LEU A 107 5.51 15.77 5.38
C LEU A 107 5.35 14.50 4.54
N HIS A 108 4.12 14.05 4.33
CA HIS A 108 3.88 12.87 3.51
C HIS A 108 4.23 13.15 2.04
N LYS A 109 4.23 14.43 1.69
CA LYS A 109 4.52 14.87 0.33
C LYS A 109 6.00 14.72 -0.03
N VAL A 110 6.86 15.15 0.88
CA VAL A 110 8.29 15.23 0.60
C VAL A 110 8.96 13.88 0.77
N ILE A 111 8.30 12.98 1.48
CA ILE A 111 8.82 11.64 1.68
C ILE A 111 7.96 10.59 0.97
N GLY A 112 7.04 11.06 0.13
CA GLY A 112 6.17 10.17 -0.61
C GLY A 112 6.52 10.05 -2.09
N GLN A 140 24.60 13.31 11.10
CA GLN A 140 23.21 13.68 11.33
C GLN A 140 22.86 14.98 10.60
N ASN A 141 21.65 15.02 10.04
CA ASN A 141 21.17 16.21 9.35
C ASN A 141 20.51 17.18 10.32
N LYS A 142 20.39 18.44 9.91
CA LYS A 142 19.79 19.47 10.74
C LYS A 142 18.45 19.93 10.18
N TYR A 143 17.42 19.88 11.01
CA TYR A 143 16.07 20.26 10.60
C TYR A 143 15.66 21.54 11.30
N PHE A 144 15.97 22.68 10.68
CA PHE A 144 15.75 23.97 11.31
C PHE A 144 14.27 24.25 11.58
N GLY A 145 13.94 24.42 12.86
CA GLY A 145 12.60 24.76 13.25
C GLY A 145 11.84 23.60 13.87
N LEU A 146 12.28 22.37 13.60
CA LEU A 146 11.57 21.20 14.05
C LEU A 146 11.54 21.05 15.56
N SER A 147 12.66 21.37 16.21
CA SER A 147 12.75 21.23 17.67
C SER A 147 11.90 22.26 18.41
N ALA A 149 9.06 23.64 17.12
CA ALA A 149 7.68 23.24 16.84
C ALA A 149 7.29 22.04 17.69
N LEU A 150 8.20 21.09 17.83
CA LEU A 150 7.92 19.89 18.61
C LEU A 150 7.96 20.17 20.11
N PHE A 152 7.21 22.98 21.47
CA PHE A 152 6.01 23.77 21.79
C PHE A 152 4.74 22.93 21.66
N SER A 153 4.76 21.95 20.76
CA SER A 153 3.67 20.99 20.68
C SER A 153 3.59 20.17 21.97
N LEU A 154 4.74 19.76 22.48
CA LEU A 154 4.81 18.97 23.70
C LEU A 154 4.38 19.80 24.92
N LEU A 155 4.86 21.05 24.97
CA LEU A 155 4.58 21.92 26.09
C LEU A 155 3.10 22.22 26.19
N LEU A 156 2.49 22.49 25.05
CA LEU A 156 1.08 22.87 24.99
C LEU A 156 0.16 21.65 24.95
N GLY A 157 0.74 20.46 25.06
CA GLY A 157 -0.04 19.24 25.10
C GLY A 157 -0.57 18.80 23.75
N ALA A 158 -0.11 19.45 22.69
CA ALA A 158 -0.51 19.10 21.34
C ALA A 158 0.26 17.85 20.91
N HIS A 159 -0.27 16.69 21.29
CA HIS A 159 0.49 15.44 21.18
C HIS A 159 0.33 14.70 19.85
N SER A 160 -0.83 14.82 19.21
CA SER A 160 -1.01 14.16 17.92
C SER A 160 -0.27 14.90 16.82
N VAL A 161 1.05 14.85 16.89
CA VAL A 161 1.91 15.38 15.84
C VAL A 161 2.17 14.28 14.82
N HIS A 162 1.95 14.58 13.55
CA HIS A 162 2.06 13.55 12.53
C HIS A 162 2.51 14.11 11.18
N SER A 163 2.44 13.25 10.16
CA SER A 163 2.87 13.59 8.82
C SER A 163 2.04 14.73 8.20
N GLY A 164 0.80 14.84 8.63
CA GLY A 164 -0.07 15.92 8.16
C GLY A 164 0.15 17.21 8.94
N ASN A 165 0.54 17.08 10.21
CA ASN A 165 0.83 18.24 11.02
C ASN A 165 2.13 18.90 10.61
N ILE A 166 3.20 18.13 10.67
CA ILE A 166 4.53 18.67 10.43
C ILE A 166 4.70 19.00 8.99
N VAL A 167 4.77 20.27 8.65
CA VAL A 167 4.92 20.54 7.22
C VAL A 167 6.30 21.12 7.00
N VAL A 168 6.66 21.32 5.76
CA VAL A 168 7.96 21.80 5.42
C VAL A 168 7.77 23.10 4.74
N LEU A 169 8.13 24.13 5.47
CA LEU A 169 8.17 25.49 4.97
C LEU A 169 9.14 25.47 3.81
N ASN A 170 9.07 26.45 2.93
CA ASN A 170 9.98 26.43 1.80
C ASN A 170 11.45 26.45 2.23
N GLY A 171 12.26 25.64 1.53
CA GLY A 171 13.66 25.49 1.88
C GLY A 171 13.89 24.68 3.14
N GLU A 172 14.78 25.17 4.00
CA GLU A 172 15.22 24.44 5.19
C GLU A 172 14.19 24.31 6.32
N GLU A 173 13.38 25.34 6.51
CA GLU A 173 12.51 25.45 7.69
C GLU A 173 11.39 24.41 7.74
N LYS A 174 11.17 23.85 8.92
CA LYS A 174 10.15 22.81 9.15
C LYS A 174 9.28 23.19 10.36
N GLU A 175 8.04 22.72 10.41
CA GLU A 175 7.07 23.33 11.29
C GLU A 175 5.88 22.47 11.70
N LYS A 176 4.96 23.11 12.42
CA LYS A 176 3.68 22.51 12.81
C LYS A 176 2.47 23.38 12.45
N SER A 177 1.40 22.72 11.99
CA SER A 177 0.29 23.41 11.34
C SER A 177 -0.99 23.53 12.19
N LYS A 178 -1.42 22.42 12.78
CA LYS A 178 -2.71 22.38 13.47
C LYS A 178 -2.61 22.08 14.96
N GLN A 179 -3.06 23.01 15.79
CA GLN A 179 -2.85 22.92 17.23
C GLN A 179 -4.15 22.66 18.00
N PHE A 180 -4.09 21.67 18.89
CA PHE A 180 -5.23 21.28 19.72
C PHE A 180 -4.78 20.99 21.15
N GLY A 181 -4.05 21.92 21.75
CA GLY A 181 -3.52 21.69 23.07
C GLY A 181 -4.55 21.40 24.15
N ARG A 182 -4.06 21.06 25.31
CA ARG A 182 -4.87 20.98 26.46
C ARG A 182 -5.91 19.89 26.48
N ILE A 183 -5.72 18.83 25.75
CA ILE A 183 -6.63 17.73 25.81
C ILE A 183 -6.30 16.87 26.97
N ASP A 184 -7.29 16.58 27.80
CA ASP A 184 -7.15 15.73 28.98
C ASP A 184 -5.82 15.96 29.68
N TRP A 185 -5.47 17.23 29.86
CA TRP A 185 -4.08 17.60 30.06
C TRP A 185 -3.69 18.13 31.44
N GLY A 186 -4.65 18.17 32.37
CA GLY A 186 -4.33 18.49 33.75
C GLY A 186 -4.11 17.20 34.51
N ASP A 187 -3.91 16.10 33.79
CA ASP A 187 -3.89 14.76 34.34
C ASP A 187 -2.51 14.33 34.80
N ARG A 190 -1.32 11.94 33.22
CA ARG A 190 -0.54 11.54 32.05
C ARG A 190 0.90 12.04 32.13
N TYR A 191 1.28 12.57 33.31
CA TYR A 191 2.69 12.89 33.59
C TYR A 191 3.13 11.88 34.66
N PHE A 192 4.27 12.04 35.34
CA PHE A 192 5.38 12.89 34.91
C PHE A 192 6.20 12.10 33.91
N ALA A 193 5.63 10.99 33.48
CA ALA A 193 6.24 10.14 32.48
C ALA A 193 6.23 10.87 31.13
N HIS A 194 5.37 11.88 31.01
CA HIS A 194 5.16 12.64 29.77
C HIS A 194 5.12 11.79 28.49
N PRO A 195 4.18 10.84 28.37
CA PRO A 195 4.16 9.89 27.28
C PRO A 195 2.77 9.62 26.83
N ASN A 196 2.22 10.50 26.06
CA ASN A 196 0.98 10.14 25.39
C ASN A 196 1.27 9.51 24.03
N ASN A 197 2.54 9.55 23.62
CA ASN A 197 2.98 9.17 22.30
C ASN A 197 3.14 7.66 22.28
N ASN A 198 3.06 7.07 23.46
CA ASN A 198 2.62 5.70 23.65
C ASN A 198 1.31 5.76 24.43
N ASP A 199 0.54 4.70 24.40
CA ASP A 199 -0.76 4.74 25.00
C ASP A 199 -1.71 5.59 24.19
N ASN A 200 -1.57 5.57 22.89
CA ASN A 200 -2.48 6.28 21.97
C ASN A 200 -3.86 5.63 21.90
N LEU A 202 -5.86 6.57 25.73
CA LEU A 202 -5.80 7.96 26.17
C LEU A 202 -5.14 8.79 25.08
N TYR A 203 -5.74 8.84 23.89
CA TYR A 203 -5.04 9.49 22.82
C TYR A 203 -4.97 10.99 22.92
N ALA A 204 -3.82 11.56 22.56
CA ALA A 204 -3.54 12.98 22.74
C ALA A 204 -3.73 13.44 24.19
N LYS A 218 -5.70 9.18 8.48
CA LYS A 218 -4.76 8.08 8.29
C LYS A 218 -3.58 8.29 9.16
N ASP A 219 -3.46 9.50 9.73
CA ASP A 219 -2.45 9.81 10.76
C ASP A 219 -1.19 8.94 10.80
N TYR A 220 -0.15 9.36 10.11
CA TYR A 220 1.15 8.72 10.23
C TYR A 220 1.97 9.46 11.28
N PHE A 221 2.00 8.91 12.50
CA PHE A 221 2.61 9.59 13.63
C PHE A 221 4.14 9.61 13.59
N LEU A 222 4.72 10.64 14.19
CA LEU A 222 6.16 10.75 14.32
C LEU A 222 6.59 10.27 15.69
N ASN A 223 7.79 9.72 15.77
CA ASN A 223 8.42 9.39 17.03
C ASN A 223 9.49 10.33 17.46
N TYR A 224 9.40 10.83 18.68
CA TYR A 224 10.36 11.82 19.15
C TYR A 224 11.71 11.17 19.45
N LYS A 225 11.65 9.96 19.94
CA LYS A 225 12.82 9.31 20.45
C LYS A 225 13.67 8.62 19.41
N LYS A 226 13.15 8.54 18.24
CA LYS A 226 13.86 7.91 17.12
C LYS A 226 14.51 8.94 16.18
N ILE A 227 13.90 10.12 16.09
CA ILE A 227 14.53 11.24 15.39
C ILE A 227 15.81 11.58 16.13
N ASN A 228 16.94 11.46 15.44
CA ASN A 228 18.25 11.55 16.07
C ASN A 228 18.53 12.89 16.74
N GLY A 229 18.90 12.84 18.03
CA GLY A 229 19.29 14.02 18.77
C GLY A 229 18.18 15.02 19.02
N LEU A 230 16.93 14.58 18.87
CA LEU A 230 15.78 15.46 19.05
C LEU A 230 15.59 15.88 20.50
N PHE A 231 15.74 14.93 21.42
CA PHE A 231 15.49 15.20 22.84
C PHE A 231 16.43 16.23 23.49
N PRO A 232 17.76 16.11 23.29
CA PRO A 232 18.61 17.13 23.90
C PRO A 232 18.44 18.51 23.27
N ALA A 233 18.05 18.54 21.99
CA ALA A 233 17.82 19.80 21.30
C ALA A 233 16.56 20.47 21.83
N ALA A 235 15.09 19.84 24.65
CA ALA A 235 15.32 20.16 26.05
C ALA A 235 16.18 21.40 26.18
N GLU A 236 17.05 21.63 25.21
CA GLU A 236 17.88 22.84 25.21
C GLU A 236 17.04 24.06 24.89
N LYS A 237 16.13 23.94 23.91
CA LYS A 237 15.18 25.00 23.61
C LYS A 237 14.33 25.27 24.85
N ALA A 238 14.03 24.20 25.58
CA ALA A 238 13.21 24.26 26.78
C ALA A 238 13.86 25.04 27.91
N ARG A 239 15.06 24.64 28.30
CA ARG A 239 15.77 25.34 29.38
C ARG A 239 16.16 26.75 28.95
N GLN A 240 16.40 26.91 27.65
CA GLN A 240 16.76 28.22 27.11
C GLN A 240 15.55 29.16 27.23
N LEU A 241 14.36 28.60 27.02
CA LEU A 241 13.13 29.37 27.17
C LEU A 241 12.89 29.68 28.63
N GLN A 242 13.12 28.66 29.47
CA GLN A 242 12.97 28.77 30.91
C GLN A 242 13.81 29.92 31.47
N SER A 243 15.03 30.03 30.98
CA SER A 243 15.96 31.08 31.35
C SER A 243 15.36 32.49 31.37
N LYS A 244 14.44 32.77 30.46
CA LYS A 244 13.89 34.11 30.31
C LYS A 244 12.58 34.31 31.08
N LEU A 245 12.05 33.23 31.65
CA LEU A 245 10.72 33.25 32.25
C LEU A 245 10.68 33.45 33.75
N ASN A 246 9.47 33.65 34.25
CA ASN A 246 9.15 33.67 35.67
C ASN A 246 7.64 33.48 35.80
N PRO A 247 7.17 32.96 36.95
CA PRO A 247 5.74 32.66 37.12
C PRO A 247 4.83 33.88 36.89
N GLU A 248 5.30 35.04 37.28
CA GLU A 248 4.56 36.22 37.10
C GLU A 248 4.44 36.56 35.64
N LEU A 249 5.54 36.43 34.93
CA LEU A 249 5.58 36.64 33.49
C LEU A 249 4.66 35.68 32.75
N LEU A 250 4.69 34.41 33.15
CA LEU A 250 3.81 33.40 32.57
C LEU A 250 2.35 33.77 32.80
N VAL A 251 2.05 34.27 34.00
CA VAL A 251 0.71 34.74 34.30
C VAL A 251 0.33 35.87 33.34
N LYS A 252 1.25 36.80 33.11
CA LYS A 252 1.01 37.88 32.16
C LYS A 252 0.72 37.34 30.77
N ILE A 253 1.43 36.26 30.40
CA ILE A 253 1.29 35.65 29.09
C ILE A 253 -0.11 35.05 28.92
N VAL A 254 -0.49 34.19 29.86
CA VAL A 254 -1.80 33.53 29.80
C VAL A 254 -2.92 34.55 29.83
N THR A 255 -2.81 35.52 30.73
CA THR A 255 -3.80 36.59 30.85
C THR A 255 -3.94 37.36 29.53
N SER A 256 -2.81 37.81 28.98
CA SER A 256 -2.80 38.56 27.73
C SER A 256 -3.42 37.75 26.60
N ALA A 257 -3.07 36.47 26.52
CA ALA A 257 -3.57 35.60 25.46
C ALA A 257 -5.05 35.28 25.66
N LEU A 258 -5.53 35.47 26.88
CA LEU A 258 -6.94 35.24 27.18
C LEU A 258 -7.80 36.47 26.84
N LYS A 259 -7.27 37.65 27.12
CA LYS A 259 -8.00 38.88 26.80
C LYS A 259 -8.24 39.09 25.30
N ASN A 260 -7.45 38.42 24.46
CA ASN A 260 -7.60 38.56 23.01
C ASN A 260 -8.73 37.68 22.46
N ILE A 261 -9.35 36.91 23.34
CA ILE A 261 -10.51 36.10 22.98
C ILE A 261 -11.77 36.91 23.20
N PRO A 262 -12.67 36.92 22.21
CA PRO A 262 -13.98 37.54 22.42
C PRO A 262 -14.71 36.90 23.60
N ALA A 263 -15.23 37.71 24.51
CA ALA A 263 -15.99 37.21 25.66
C ALA A 263 -17.14 36.36 25.17
N ASP A 264 -17.63 36.75 24.02
CA ASP A 264 -18.76 36.18 23.30
C ASP A 264 -18.52 34.76 22.85
N LEU A 265 -17.29 34.36 22.68
CA LEU A 265 -16.90 33.21 21.87
C LEU A 265 -17.61 31.90 22.10
N ILE A 266 -17.72 31.46 23.33
CA ILE A 266 -18.37 30.18 23.62
C ILE A 266 -19.45 30.31 24.69
N ASP A 267 -20.52 29.51 24.57
CA ASP A 267 -21.61 29.56 25.55
C ASP A 267 -21.21 28.92 26.89
N GLU A 268 -22.10 28.99 27.87
CA GLU A 268 -21.81 28.59 29.23
C GLU A 268 -21.62 27.08 29.42
N LYS A 269 -22.10 26.30 28.46
CA LYS A 269 -22.05 24.83 28.55
C LYS A 269 -20.69 24.26 28.18
N THR A 270 -20.24 24.60 26.97
CA THR A 270 -18.96 24.11 26.46
C THR A 270 -17.80 24.60 27.31
N LYS A 271 -18.08 25.54 28.21
CA LYS A 271 -17.10 26.04 29.16
C LYS A 271 -16.85 25.01 30.24
N ILE A 272 -17.89 24.32 30.65
CA ILE A 272 -17.76 23.26 31.63
C ILE A 272 -17.34 22.01 30.95
N GLN A 273 -17.70 21.92 29.67
CA GLN A 273 -17.17 20.85 28.82
C GLN A 273 -15.65 20.94 28.74
N LEU A 274 -15.15 22.16 28.60
CA LEU A 274 -13.71 22.40 28.49
C LEU A 274 -13.03 22.32 29.85
N ALA A 275 -13.78 22.63 30.91
CA ALA A 275 -13.27 22.48 32.26
C ALA A 275 -13.01 20.99 32.52
N ALA A 276 -13.93 20.15 32.06
CA ALA A 276 -13.77 18.71 32.19
C ALA A 276 -12.70 18.18 31.23
N TYR A 277 -12.64 18.79 30.06
CA TYR A 277 -11.73 18.40 28.99
C TYR A 277 -10.29 18.57 29.42
N CYS A 279 -9.19 19.17 32.16
CA CYS A 279 -9.04 18.68 33.54
C CYS A 279 -8.58 19.79 34.48
N ASP A 281 -9.87 22.56 37.07
CA ASP A 281 -11.03 22.92 37.88
C ASP A 281 -11.43 24.39 37.72
N SER A 282 -10.44 25.26 37.73
CA SER A 282 -10.66 26.71 37.83
C SER A 282 -10.99 27.39 36.50
N PHE A 283 -11.70 26.69 35.61
CA PHE A 283 -11.93 27.23 34.28
C PHE A 283 -13.31 27.78 34.09
N LYS A 284 -14.30 27.08 34.59
CA LYS A 284 -15.70 27.47 34.38
C LYS A 284 -16.06 28.83 34.97
N GLU A 285 -15.22 29.34 35.87
CA GLU A 285 -15.44 30.63 36.50
C GLU A 285 -14.49 31.70 35.95
N ALA A 286 -14.54 31.92 34.64
CA ALA A 286 -13.69 32.90 33.99
C ALA A 286 -14.32 33.46 32.73
N THR A 287 -14.04 34.73 32.44
CA THR A 287 -14.54 35.36 31.21
C THR A 287 -13.37 35.81 30.32
N PHE A 288 -13.63 35.97 29.03
CA PHE A 288 -12.54 36.05 28.05
C PHE A 288 -12.33 37.39 27.36
N GLY A 289 -13.33 38.26 27.38
CA GLY A 289 -13.19 39.56 26.76
C GLY A 289 -12.13 40.40 27.45
N THR A 290 -11.78 41.52 26.82
CA THR A 290 -10.81 42.44 27.41
C THR A 290 -11.38 43.10 28.67
N GLU A 291 -12.69 42.98 28.85
CA GLU A 291 -13.39 43.53 30.01
C GLU A 291 -13.88 42.42 30.94
N GLY A 292 -13.05 41.41 31.15
CA GLY A 292 -13.42 40.28 31.99
C GLY A 292 -12.35 39.90 33.00
N ASN A 293 -12.67 38.93 33.85
CA ASN A 293 -11.73 38.44 34.84
C ASN A 293 -11.47 36.94 34.68
N CYS A 294 -10.20 36.55 34.67
CA CYS A 294 -9.81 35.15 34.49
C CYS A 294 -8.57 34.83 35.31
N LYS A 295 -8.45 35.51 36.45
CA LYS A 295 -7.25 35.42 37.28
C LYS A 295 -6.88 34.00 37.70
N ASP A 296 -7.79 33.35 38.43
CA ASP A 296 -7.52 32.02 38.98
C ASP A 296 -7.05 31.02 37.92
N PHE A 297 -7.71 31.03 36.76
CA PHE A 297 -7.32 30.15 35.68
C PHE A 297 -5.99 30.55 35.06
N ALA A 298 -5.70 31.84 35.06
CA ALA A 298 -4.40 32.31 34.57
C ALA A 298 -3.30 31.77 35.47
N ILE A 299 -3.53 31.82 36.78
CA ILE A 299 -2.58 31.29 37.76
C ILE A 299 -2.39 29.79 37.58
N ALA A 300 -3.50 29.07 37.46
CA ALA A 300 -3.46 27.62 37.29
C ALA A 300 -2.67 27.23 36.05
N ALA A 302 -0.59 29.07 34.17
CA ALA A 302 0.81 29.48 34.26
C ALA A 302 1.62 28.50 35.10
N THR A 303 1.05 28.10 36.23
CA THR A 303 1.67 27.12 37.11
C THR A 303 1.99 25.85 36.35
N LEU A 304 0.95 25.29 35.72
CA LEU A 304 1.12 24.04 34.97
C LEU A 304 2.17 24.16 33.89
N LEU A 305 2.03 25.18 33.03
CA LEU A 305 2.99 25.45 31.96
C LEU A 305 4.43 25.50 32.48
N GLU A 306 4.66 26.25 33.55
CA GLU A 306 5.99 26.32 34.14
C GLU A 306 6.49 24.93 34.57
N ASN A 307 5.65 24.21 35.30
CA ASN A 307 5.94 22.84 35.69
C ASN A 307 6.38 21.98 34.49
N ARG A 308 5.55 21.94 33.45
CA ARG A 308 5.77 21.11 32.29
C ARG A 308 7.03 21.50 31.50
N LEU A 309 7.30 22.79 31.39
CA LEU A 309 8.52 23.27 30.74
C LEU A 309 9.74 22.80 31.53
N GLY A 310 9.68 22.99 32.85
CA GLY A 310 10.74 22.53 33.73
C GLY A 310 11.00 21.04 33.57
N LYS A 311 9.94 20.28 33.37
CA LYS A 311 10.07 18.83 33.19
C LYS A 311 10.61 18.49 31.80
N ILE A 312 10.35 19.38 30.84
CA ILE A 312 10.82 19.18 29.48
C ILE A 312 12.33 19.41 29.39
N ALA A 313 12.81 20.41 30.12
CA ALA A 313 14.23 20.76 30.09
C ALA A 313 15.20 19.62 30.48
N VAL A 314 14.68 18.56 31.09
CA VAL A 314 15.53 17.47 31.57
C VAL A 314 15.16 16.10 30.98
N LEU A 315 14.84 16.07 29.69
CA LEU A 315 14.39 14.84 29.03
C LEU A 315 15.52 13.86 28.69
N LYS A 316 15.21 12.56 28.80
CA LYS A 316 16.17 11.51 28.50
C LYS A 316 16.16 11.19 27.00
N LEU A 334 13.72 -5.28 20.61
CA LEU A 334 14.99 -5.71 21.20
C LEU A 334 16.19 -5.25 20.38
N LYS A 335 16.97 -6.22 19.91
CA LYS A 335 18.19 -5.97 19.16
C LYS A 335 17.91 -5.24 17.86
N PRO A 336 18.84 -4.36 17.44
CA PRO A 336 18.73 -3.65 16.17
C PRO A 336 19.12 -4.54 14.99
N LEU A 337 18.59 -4.23 13.82
CA LEU A 337 18.87 -5.00 12.61
C LEU A 337 18.99 -4.05 11.43
N THR A 338 19.82 -4.41 10.45
CA THR A 338 19.93 -3.64 9.22
C THR A 338 20.32 -4.52 8.04
N LEU A 339 20.22 -3.97 6.84
CA LEU A 339 20.61 -4.71 5.64
C LEU A 339 21.90 -4.13 5.08
N LEU A 340 22.98 -4.90 5.18
CA LEU A 340 24.31 -4.40 4.81
C LEU A 340 24.87 -5.04 3.55
N THR A 342 28.19 -6.09 1.21
CA THR A 342 29.55 -6.57 1.47
C THR A 342 30.55 -6.09 0.43
N SER A 343 31.83 -6.36 0.70
CA SER A 343 32.96 -5.87 -0.10
C SER A 343 32.75 -5.95 -1.61
N SER A 344 32.48 -7.16 -2.10
CA SER A 344 32.32 -7.41 -3.52
C SER A 344 31.22 -8.41 -3.80
N THR A 345 30.08 -7.90 -4.24
CA THR A 345 28.95 -8.74 -4.62
C THR A 345 28.23 -8.12 -5.80
N SER A 346 27.31 -8.87 -6.40
CA SER A 346 26.41 -8.34 -7.43
C SER A 346 25.06 -8.08 -6.75
N PHE A 347 24.13 -7.50 -7.49
CA PHE A 347 22.83 -7.11 -6.94
C PHE A 347 22.01 -8.31 -6.47
N SER A 348 22.00 -9.37 -7.28
CA SER A 348 21.19 -10.56 -7.03
C SER A 348 21.49 -11.18 -5.68
N GLU A 349 22.78 -11.27 -5.36
CA GLU A 349 23.26 -11.95 -4.17
C GLU A 349 23.04 -11.13 -2.90
N THR A 350 23.06 -9.82 -3.07
CA THR A 350 22.79 -8.90 -1.98
C THR A 350 21.32 -9.07 -1.63
N ILE A 351 20.51 -9.04 -2.67
CA ILE A 351 19.07 -9.29 -2.52
C ILE A 351 18.84 -10.65 -1.88
N ASN A 352 19.71 -11.61 -2.16
CA ASN A 352 19.64 -12.93 -1.55
C ASN A 352 19.85 -12.88 -0.05
N GLN A 353 21.01 -12.36 0.36
CA GLN A 353 21.35 -12.15 1.76
C GLN A 353 20.20 -11.49 2.51
N TRP A 354 19.79 -10.33 2.01
CA TRP A 354 18.71 -9.56 2.63
C TRP A 354 17.43 -10.39 2.72
N ALA A 355 17.15 -11.13 1.65
CA ALA A 355 15.95 -11.96 1.57
C ALA A 355 15.91 -13.01 2.66
N ASP A 356 16.98 -13.79 2.80
CA ASP A 356 16.97 -14.85 3.81
C ASP A 356 17.08 -14.29 5.23
N ILE A 357 17.73 -13.13 5.38
CA ILE A 357 17.68 -12.45 6.67
C ILE A 357 16.24 -12.19 7.05
N LEU A 358 15.56 -11.38 6.22
CA LEU A 358 14.18 -10.98 6.50
C LEU A 358 13.24 -12.16 6.66
N LYS A 359 13.47 -13.21 5.88
CA LYS A 359 12.64 -14.41 5.92
C LYS A 359 12.82 -15.19 7.21
N THR A 360 14.07 -15.52 7.54
CA THR A 360 14.34 -16.27 8.77
C THR A 360 13.94 -15.48 10.00
N THR A 361 14.43 -14.24 10.06
CA THR A 361 14.18 -13.36 11.20
C THR A 361 12.73 -12.86 11.21
N ASP A 362 12.23 -12.58 12.40
CA ASP A 362 10.91 -11.99 12.58
C ASP A 362 11.04 -10.48 12.77
N GLU A 364 9.39 -8.56 15.22
CA GLU A 364 8.72 -8.28 16.47
C GLU A 364 9.76 -8.27 17.59
N LYS A 365 10.80 -9.07 17.40
CA LYS A 365 11.90 -9.15 18.35
C LYS A 365 13.10 -8.34 17.88
N PHE A 366 12.90 -7.55 16.83
CA PHE A 366 13.96 -6.71 16.28
C PHE A 366 13.46 -5.31 15.93
N SER A 367 14.37 -4.34 16.00
CA SER A 367 14.07 -2.97 15.59
C SER A 367 14.86 -2.63 14.33
N PHE A 368 14.18 -2.64 13.19
CA PHE A 368 14.83 -2.45 11.90
C PHE A 368 15.48 -1.08 11.77
N ASP A 369 16.76 -1.08 11.41
CA ASP A 369 17.49 0.15 11.18
C ASP A 369 17.82 0.26 9.69
N SER A 370 17.71 1.46 9.14
CA SER A 370 17.97 1.66 7.72
C SER A 370 19.00 2.75 7.47
N ASN A 371 19.50 3.34 8.55
CA ASN A 371 20.54 4.35 8.45
C ASN A 371 21.83 3.87 7.77
N PRO A 372 22.35 2.68 8.12
CA PRO A 372 23.58 2.26 7.46
C PRO A 372 23.36 1.58 6.11
N ILE A 373 22.22 1.82 5.46
CA ILE A 373 21.96 1.21 4.16
C ILE A 373 22.53 2.05 3.02
N ASN A 374 23.43 1.46 2.25
CA ASN A 374 24.04 2.17 1.13
C ASN A 374 23.20 2.06 -0.13
N LEU A 375 22.22 2.94 -0.27
CA LEU A 375 21.34 2.93 -1.43
C LEU A 375 22.08 3.29 -2.70
N LEU A 376 23.04 4.20 -2.59
CA LEU A 376 23.81 4.67 -3.74
C LEU A 376 24.64 3.54 -4.37
N GLU A 377 25.35 2.79 -3.53
CA GLU A 377 26.15 1.66 -4.00
C GLU A 377 25.26 0.54 -4.53
N LEU A 378 24.08 0.43 -3.94
CA LEU A 378 23.10 -0.57 -4.37
C LEU A 378 22.61 -0.25 -5.77
N VAL A 379 22.40 1.03 -6.03
CA VAL A 379 22.00 1.52 -7.35
C VAL A 379 23.14 1.29 -8.34
N LYS A 380 24.36 1.53 -7.87
CA LYS A 380 25.55 1.30 -8.68
C LYS A 380 25.62 -0.15 -9.16
N GLN A 381 25.51 -1.08 -8.21
CA GLN A 381 25.59 -2.50 -8.53
C GLN A 381 24.37 -3.02 -9.29
N PHE A 382 23.23 -2.34 -9.13
CA PHE A 382 22.05 -2.69 -9.93
C PHE A 382 22.27 -2.26 -11.39
N ASN A 383 22.84 -1.09 -11.58
CA ASN A 383 23.19 -0.62 -12.92
C ASN A 383 24.20 -1.55 -13.59
N LEU A 384 25.20 -1.97 -12.81
CA LEU A 384 26.13 -2.98 -13.29
C LEU A 384 25.39 -4.26 -13.69
N TYR A 385 24.46 -4.67 -12.84
CA TYR A 385 23.63 -5.86 -13.07
C TYR A 385 22.89 -5.78 -14.42
N VAL A 386 22.30 -4.62 -14.69
CA VAL A 386 21.59 -4.38 -15.94
C VAL A 386 22.55 -4.45 -17.12
N ASP A 387 23.68 -3.77 -16.98
CA ASP A 387 24.72 -3.78 -18.01
C ASP A 387 25.09 -5.21 -18.40
N GLU A 388 25.36 -6.02 -17.37
CA GLU A 388 25.75 -7.41 -17.59
C GLU A 388 24.63 -8.27 -18.15
N LEU A 389 23.39 -8.02 -17.75
CA LEU A 389 22.28 -8.78 -18.33
C LEU A 389 22.14 -8.43 -19.81
N ALA A 390 22.43 -7.19 -20.16
CA ALA A 390 22.47 -6.79 -21.56
C ALA A 390 23.56 -7.56 -22.31
N ILE A 391 24.80 -7.42 -21.82
CA ILE A 391 25.96 -8.05 -22.43
C ILE A 391 25.82 -9.57 -22.61
N THR A 392 25.25 -10.23 -21.61
CA THR A 392 24.98 -11.67 -21.67
C THR A 392 23.85 -11.94 -22.65
N CYS A 393 22.84 -11.08 -22.65
CA CYS A 393 21.74 -11.20 -23.60
C CYS A 393 22.14 -10.82 -25.02
N GLU A 394 23.42 -10.48 -25.22
CA GLU A 394 23.90 -10.25 -26.58
C GLU A 394 25.05 -11.19 -26.99
N ALA A 395 25.79 -11.70 -26.01
CA ALA A 395 26.86 -12.65 -26.27
C ALA A 395 26.23 -13.97 -26.73
N ASN A 396 25.32 -14.48 -25.92
CA ASN A 396 24.44 -15.55 -26.36
C ASN A 396 23.47 -14.96 -27.37
N ASN A 397 23.24 -15.61 -28.48
CA ASN A 397 22.56 -14.92 -29.57
C ASN A 397 21.07 -14.96 -29.52
N VAL A 398 20.53 -14.56 -28.38
CA VAL A 398 19.08 -14.45 -28.16
C VAL A 398 18.51 -13.36 -29.05
N TRP A 399 17.45 -12.72 -28.57
CA TRP A 399 16.63 -11.85 -29.40
C TRP A 399 17.18 -11.42 -30.73
N LEU A 410 13.54 -6.05 -33.42
CA LEU A 410 12.54 -6.86 -32.73
C LEU A 410 11.20 -6.18 -32.58
N PHE A 411 11.18 -4.96 -32.12
CA PHE A 411 9.95 -4.20 -31.92
C PHE A 411 9.61 -3.46 -33.21
N ALA A 412 10.19 -3.92 -34.30
CA ALA A 412 10.11 -3.26 -35.61
C ALA A 412 8.67 -2.99 -36.08
N LEU A 413 7.87 -4.04 -36.15
CA LEU A 413 6.49 -3.92 -36.61
C LEU A 413 5.64 -3.10 -35.64
N TYR A 414 5.63 -3.49 -34.37
CA TYR A 414 4.79 -2.89 -33.36
C TYR A 414 4.80 -1.42 -33.20
N ASP A 415 5.50 -0.72 -34.05
CA ASP A 415 5.54 0.74 -34.03
C ASP A 415 4.32 1.39 -34.70
N ASN A 416 3.75 2.38 -34.04
CA ASN A 416 2.62 3.15 -34.57
C ASN A 416 3.00 4.62 -34.71
N SER A 417 4.17 4.97 -34.18
CA SER A 417 4.58 6.37 -34.07
C SER A 417 4.70 7.08 -35.42
N GLY A 418 4.71 6.32 -36.49
CA GLY A 418 4.94 6.88 -37.81
C GLY A 418 6.40 7.27 -37.94
N GLY A 419 6.65 8.53 -38.26
CA GLY A 419 8.01 8.98 -38.50
C GLY A 419 8.52 10.08 -37.59
N GLU A 420 7.61 10.74 -36.89
CA GLU A 420 7.99 11.86 -36.03
C GLU A 420 8.65 11.39 -34.74
N ALA A 421 9.54 12.23 -34.22
CA ALA A 421 10.25 11.95 -32.98
C ALA A 421 9.37 12.33 -31.80
N ILE A 422 9.28 11.43 -30.83
CA ILE A 422 8.64 11.76 -29.56
C ILE A 422 9.72 11.94 -28.49
N HIS A 423 9.76 13.15 -27.93
CA HIS A 423 10.74 13.51 -26.92
C HIS A 423 12.19 13.38 -27.37
N GLY A 424 12.48 13.88 -28.56
CA GLY A 424 13.84 13.96 -29.06
C GLY A 424 14.30 12.73 -29.79
N HIS A 425 13.52 11.66 -29.72
CA HIS A 425 13.88 10.40 -30.35
C HIS A 425 12.77 9.89 -31.27
N ALA A 426 13.14 9.56 -32.50
CA ALA A 426 12.24 8.81 -33.38
C ALA A 426 12.46 7.34 -33.09
N PHE A 427 11.57 6.49 -33.58
CA PHE A 427 11.72 5.05 -33.36
C PHE A 427 12.50 4.41 -34.50
N VAL A 428 13.65 3.84 -34.17
CA VAL A 428 14.47 3.18 -35.17
C VAL A 428 14.53 1.66 -34.92
N PRO A 429 13.96 0.88 -35.84
CA PRO A 429 13.82 -0.58 -35.72
C PRO A 429 15.14 -1.30 -35.48
N TYR A 430 16.23 -0.80 -36.06
CA TYR A 430 17.52 -1.49 -36.00
C TYR A 430 18.27 -1.31 -34.68
N TYR A 431 17.65 -0.65 -33.72
CA TYR A 431 18.21 -0.58 -32.38
C TYR A 431 18.35 -1.98 -31.82
N LYS A 432 19.50 -2.34 -31.32
CA LYS A 432 19.65 -3.58 -30.62
C LYS A 432 18.82 -3.56 -29.39
N GLU A 433 18.22 -4.67 -29.03
CA GLU A 433 17.31 -4.75 -27.88
C GLU A 433 18.12 -4.69 -26.60
N SER A 434 19.41 -4.92 -26.74
CA SER A 434 20.32 -4.85 -25.62
C SER A 434 20.69 -3.39 -25.34
N ILE A 435 20.39 -2.49 -26.26
CA ILE A 435 20.56 -1.05 -26.01
C ILE A 435 19.30 -0.51 -25.33
N VAL A 436 18.16 -0.82 -25.93
CA VAL A 436 16.86 -0.48 -25.38
C VAL A 436 16.74 -0.99 -23.95
N LEU A 437 17.27 -2.18 -23.70
CA LEU A 437 17.27 -2.75 -22.35
C LEU A 437 17.96 -1.82 -21.35
N ARG A 438 19.13 -1.37 -21.64
CA ARG A 438 19.82 -0.48 -20.77
C ARG A 438 19.19 0.85 -20.63
N ARG A 439 18.69 1.40 -21.72
CA ARG A 439 18.01 2.69 -21.68
C ARG A 439 16.74 2.66 -20.83
N LEU A 440 16.05 1.52 -20.82
CA LEU A 440 14.80 1.39 -20.09
C LEU A 440 14.99 1.13 -18.61
N PHE A 441 15.98 0.32 -18.26
CA PHE A 441 16.13 -0.15 -16.88
C PHE A 441 17.40 0.29 -16.17
N THR A 442 17.90 1.48 -16.50
CA THR A 442 19.09 2.00 -15.81
C THR A 442 18.76 3.22 -14.96
N VAL A 443 19.07 3.11 -13.66
CA VAL A 443 18.74 4.14 -12.68
C VAL A 443 19.76 5.27 -12.64
N ASP A 444 19.26 6.51 -12.60
CA ASP A 444 20.11 7.68 -12.42
C ASP A 444 20.79 7.60 -11.07
N PRO A 445 22.13 7.75 -11.04
CA PRO A 445 23.00 7.47 -9.91
C PRO A 445 22.54 8.04 -8.57
N ASN A 446 22.27 9.34 -8.51
CA ASN A 446 22.04 9.98 -7.22
C ASN A 446 20.69 10.69 -7.08
N THR A 447 19.82 10.51 -8.06
CA THR A 447 18.43 10.97 -7.94
C THR A 447 17.48 9.77 -7.93
N PHE A 448 18.05 8.60 -8.23
CA PHE A 448 17.39 7.31 -8.04
C PHE A 448 16.12 7.08 -8.85
N ASN A 449 15.96 7.82 -9.95
CA ASN A 449 14.77 7.67 -10.78
C ASN A 449 15.07 7.07 -12.16
N LEU A 450 14.13 6.28 -12.66
CA LEU A 450 14.29 5.62 -13.96
C LEU A 450 14.27 6.64 -15.09
N SER A 451 15.08 6.39 -16.11
CA SER A 451 15.11 7.28 -17.28
C SER A 451 13.99 6.94 -18.27
N ARG A 452 13.72 7.87 -19.18
CA ARG A 452 12.54 7.75 -20.03
C ARG A 452 12.82 7.67 -21.54
N PHE A 453 12.67 6.46 -22.08
CA PHE A 453 12.74 6.23 -23.52
C PHE A 453 11.33 6.27 -24.09
N ALA A 454 10.82 7.48 -24.33
CA ALA A 454 9.43 7.67 -24.75
C ALA A 454 9.13 7.13 -26.15
N ALA A 455 10.18 6.87 -26.93
CA ALA A 455 10.02 6.36 -28.29
C ALA A 455 9.79 4.84 -28.31
N PHE A 456 10.37 4.15 -27.34
CA PHE A 456 10.35 2.68 -27.35
C PHE A 456 9.41 2.04 -26.33
N GLU A 457 8.60 2.84 -25.64
CA GLU A 457 7.74 2.30 -24.58
C GLU A 457 6.47 1.59 -25.04
N GLY A 458 5.78 2.18 -25.99
CA GLY A 458 4.63 1.57 -26.61
C GLY A 458 4.91 0.24 -27.31
N PRO A 459 5.78 0.27 -28.34
CA PRO A 459 6.25 -0.91 -29.07
C PRO A 459 6.72 -2.04 -28.15
N CYS A 460 7.13 -1.73 -26.92
CA CYS A 460 7.53 -2.77 -25.96
C CYS A 460 6.34 -3.28 -25.15
N GLN A 461 5.43 -2.38 -24.78
CA GLN A 461 4.24 -2.75 -24.02
C GLN A 461 3.37 -3.73 -24.78
N LEU A 462 2.88 -3.34 -25.94
CA LEU A 462 2.31 -4.33 -26.84
C LEU A 462 3.49 -5.01 -27.55
N TYR A 463 3.54 -6.33 -27.39
CA TYR A 463 4.68 -7.24 -27.54
C TYR A 463 4.75 -7.97 -26.22
N CYS A 464 4.73 -7.19 -25.14
CA CYS A 464 4.70 -7.77 -23.80
C CYS A 464 3.34 -8.37 -23.51
N LYS A 465 2.35 -8.00 -24.32
CA LYS A 465 1.09 -8.72 -24.34
C LYS A 465 1.33 -9.99 -25.13
N GLU A 466 1.12 -9.89 -26.45
CA GLU A 466 1.23 -11.02 -27.38
C GLU A 466 2.35 -12.03 -27.09
N HIS A 467 3.49 -11.55 -26.61
CA HIS A 467 4.57 -12.45 -26.21
C HIS A 467 4.66 -12.47 -24.69
N LYS A 468 3.61 -12.99 -24.04
CA LYS A 468 3.54 -13.08 -22.59
C LYS A 468 4.70 -13.90 -22.04
N ASP A 469 5.16 -14.86 -22.84
CA ASP A 469 6.18 -15.80 -22.42
C ASP A 469 7.56 -15.45 -22.95
N SER A 470 7.76 -14.20 -23.35
CA SER A 470 8.99 -13.80 -23.99
C SER A 470 10.07 -13.65 -22.99
N ALA A 471 11.33 -13.85 -23.38
CA ALA A 471 12.49 -13.67 -22.51
C ALA A 471 12.61 -12.21 -22.09
N TRP A 472 12.29 -11.32 -23.03
CA TRP A 472 12.24 -9.90 -22.78
C TRP A 472 11.30 -9.58 -21.62
N VAL A 473 10.11 -10.17 -21.64
CA VAL A 473 9.10 -9.95 -20.60
C VAL A 473 9.61 -10.33 -19.21
N LYS A 474 10.30 -11.47 -19.12
CA LYS A 474 10.85 -11.93 -17.86
C LYS A 474 11.98 -11.01 -17.40
N ILE A 475 12.76 -10.51 -18.35
CA ILE A 475 13.80 -9.54 -18.04
C ILE A 475 13.18 -8.32 -17.44
N GLN A 476 12.07 -7.98 -17.97
CA GLN A 476 11.35 -6.78 -17.57
C GLN A 476 10.85 -6.94 -16.14
N THR A 477 10.14 -8.04 -15.88
CA THR A 477 9.68 -8.36 -14.54
C THR A 477 10.84 -8.25 -13.55
N LEU A 478 11.95 -8.90 -13.88
CA LEU A 478 13.11 -8.90 -13.00
C LEU A 478 13.64 -7.49 -12.68
N LEU A 479 14.09 -6.79 -13.72
CA LEU A 479 14.70 -5.48 -13.53
C LEU A 479 13.75 -4.49 -12.85
N THR A 480 12.48 -4.55 -13.24
CA THR A 480 11.45 -3.76 -12.58
C THR A 480 11.39 -4.07 -11.09
N LEU A 481 11.50 -5.35 -10.75
CA LEU A 481 11.48 -5.72 -9.34
C LEU A 481 12.69 -5.18 -8.58
N GLY A 482 13.86 -5.22 -9.23
CA GLY A 482 15.06 -4.64 -8.62
C GLY A 482 14.91 -3.15 -8.33
N ASN A 483 14.49 -2.42 -9.32
CA ASN A 483 14.29 -1.03 -9.09
C ASN A 483 13.16 -0.68 -8.14
N GLY A 484 12.17 -1.52 -8.08
CA GLY A 484 11.13 -1.38 -7.08
C GLY A 484 11.71 -1.54 -5.69
N ILE A 485 12.64 -2.49 -5.55
CA ILE A 485 13.36 -2.66 -4.30
C ILE A 485 14.10 -1.37 -3.93
N ILE A 486 14.84 -0.82 -4.89
CA ILE A 486 15.54 0.45 -4.68
C ILE A 486 14.60 1.56 -4.19
N ASN A 487 13.49 1.73 -4.89
CA ASN A 487 12.48 2.72 -4.53
C ASN A 487 11.97 2.54 -3.10
N THR A 488 11.50 1.33 -2.81
CA THR A 488 10.94 1.03 -1.50
C THR A 488 11.96 1.34 -0.41
N LEU A 489 13.23 1.05 -0.69
CA LEU A 489 14.30 1.40 0.23
C LEU A 489 14.45 2.91 0.44
N LYS A 490 14.35 3.67 -0.66
CA LYS A 490 14.29 5.14 -0.56
C LYS A 490 13.23 5.54 0.45
N ILE A 491 12.01 5.06 0.21
CA ILE A 491 10.89 5.39 1.10
C ILE A 491 11.19 5.04 2.55
N ILE A 492 11.74 3.85 2.77
CA ILE A 492 12.07 3.42 4.14
C ILE A 492 13.05 4.38 4.82
N LYS A 493 14.14 4.70 4.14
CA LYS A 493 15.15 5.59 4.73
C LYS A 493 14.59 7.00 5.02
N GLN A 494 13.94 7.58 4.01
CA GLN A 494 13.33 8.90 4.16
C GLN A 494 12.30 8.96 5.29
N ALA A 495 11.50 7.91 5.41
CA ALA A 495 10.48 7.85 6.44
C ALA A 495 11.12 7.73 7.82
N GLN A 496 12.08 6.82 7.93
CA GLN A 496 12.75 6.58 9.22
C GLN A 496 13.58 7.78 9.65
N ALA A 497 13.89 8.67 8.72
CA ALA A 497 14.53 9.94 9.06
C ALA A 497 13.75 10.71 10.13
N PHE A 498 12.43 10.64 10.09
CA PHE A 498 11.58 11.36 11.03
C PHE A 498 10.83 10.46 12.01
N GLY A 499 11.25 9.21 12.10
CA GLY A 499 10.67 8.27 13.04
C GLY A 499 9.20 7.97 12.79
N ILE A 500 8.87 7.74 11.52
CA ILE A 500 7.52 7.35 11.16
C ILE A 500 7.44 5.83 11.05
N ASP A 501 7.21 5.18 12.19
CA ASP A 501 7.25 3.72 12.29
C ASP A 501 6.26 3.03 11.36
N GLU A 502 5.09 3.64 11.18
CA GLU A 502 4.02 3.02 10.38
C GLU A 502 4.44 2.82 8.92
N ALA A 503 4.94 3.89 8.31
CA ALA A 503 5.41 3.85 6.94
C ALA A 503 6.57 2.88 6.80
N VAL A 504 7.42 2.85 7.83
CA VAL A 504 8.56 1.95 7.86
C VAL A 504 8.13 0.49 7.81
N THR A 505 7.22 0.11 8.70
CA THR A 505 6.75 -1.29 8.74
C THR A 505 5.97 -1.68 7.48
N GLU A 506 5.11 -0.78 7.01
CA GLU A 506 4.37 -1.03 5.77
C GLU A 506 5.30 -1.25 4.58
N ASN A 507 6.27 -0.35 4.41
CA ASN A 507 7.20 -0.46 3.29
C ASN A 507 8.26 -1.54 3.49
N LEU A 508 8.37 -2.04 4.72
CA LEU A 508 9.26 -3.14 5.01
C LEU A 508 8.56 -4.42 4.60
N LYS A 509 7.25 -4.42 4.80
CA LYS A 509 6.39 -5.47 4.28
C LYS A 509 6.51 -5.52 2.77
N ALA A 510 6.30 -4.36 2.15
CA ALA A 510 6.45 -4.23 0.69
C ALA A 510 7.83 -4.69 0.22
N LEU A 511 8.84 -4.34 0.99
CA LEU A 511 10.22 -4.73 0.68
C LEU A 511 10.38 -6.24 0.70
N LYS A 512 9.85 -6.89 1.72
CA LYS A 512 9.90 -8.36 1.82
C LYS A 512 9.20 -9.00 0.61
N GLU A 513 8.00 -8.52 0.32
CA GLU A 513 7.24 -8.99 -0.83
C GLU A 513 8.06 -8.87 -2.12
N GLN A 514 8.73 -7.73 -2.28
CA GLN A 514 9.51 -7.49 -3.49
C GLN A 514 10.78 -8.34 -3.56
N PHE A 515 11.36 -8.65 -2.40
CA PHE A 515 12.52 -9.54 -2.35
C PHE A 515 12.12 -10.93 -2.78
N ILE A 516 11.12 -11.47 -2.12
CA ILE A 516 10.62 -12.80 -2.45
C ILE A 516 10.18 -12.90 -3.92
N ALA A 517 9.47 -11.87 -4.38
CA ALA A 517 9.01 -11.82 -5.76
C ALA A 517 10.17 -11.69 -6.74
N PHE A 518 11.26 -11.05 -6.29
CA PHE A 518 12.46 -10.92 -7.10
C PHE A 518 13.12 -12.28 -7.26
N GLN A 519 13.42 -12.93 -6.15
CA GLN A 519 14.06 -14.22 -6.24
C GLN A 519 13.24 -15.22 -7.03
N LEU A 520 11.93 -15.21 -6.74
CA LEU A 520 11.04 -16.10 -7.46
C LEU A 520 11.16 -15.78 -8.95
N ALA A 521 11.00 -14.51 -9.30
CA ALA A 521 11.16 -14.07 -10.68
C ALA A 521 12.54 -14.37 -11.21
N GLU A 522 13.53 -14.47 -10.33
CA GLU A 522 14.93 -14.52 -10.76
C GLU A 522 15.49 -15.91 -11.07
N ALA A 523 14.76 -16.96 -10.69
CA ALA A 523 15.20 -18.31 -11.00
C ALA A 523 14.57 -18.84 -12.28
N ASP A 524 13.70 -18.05 -12.90
CA ASP A 524 13.08 -18.43 -14.17
C ASP A 524 13.71 -17.66 -15.32
N ILE A 525 14.71 -16.85 -15.02
CA ILE A 525 15.46 -16.14 -16.06
C ILE A 525 16.48 -17.07 -16.69
N LYS A 526 16.88 -18.09 -15.94
CA LYS A 526 17.74 -19.11 -16.50
C LYS A 526 16.97 -19.91 -17.56
N GLU A 527 16.54 -19.20 -18.60
CA GLU A 527 15.85 -19.73 -19.78
C GLU A 527 14.94 -20.92 -19.52
N PRO A 539 30.46 -9.77 -36.70
CA PRO A 539 29.20 -9.51 -37.41
C PRO A 539 28.96 -8.03 -37.69
N ASN A 540 28.77 -7.24 -36.64
CA ASN A 540 28.51 -5.81 -36.79
C ASN A 540 29.64 -4.96 -36.19
N LYS A 541 30.30 -4.17 -37.03
CA LYS A 541 31.40 -3.33 -36.60
C LYS A 541 31.25 -1.92 -37.16
N GLU A 542 30.14 -1.71 -37.89
CA GLU A 542 29.85 -0.44 -38.53
C GLU A 542 29.03 0.44 -37.59
N SER A 543 28.53 -0.17 -36.51
CA SER A 543 27.74 0.53 -35.52
C SER A 543 27.84 -0.19 -34.18
N GLU A 544 27.68 0.58 -33.10
CA GLU A 544 27.83 0.04 -31.76
C GLU A 544 26.46 -0.07 -31.10
N PHE A 545 25.47 0.58 -31.71
CA PHE A 545 24.14 0.67 -31.11
C PHE A 545 23.05 0.12 -32.03
N PHE A 546 23.42 -0.29 -33.24
CA PHE A 546 22.44 -0.74 -34.21
C PHE A 546 22.78 -2.08 -34.85
N TYR A 547 21.74 -2.81 -35.25
CA TYR A 547 21.91 -3.98 -36.07
C TYR A 547 22.42 -3.52 -37.44
N PRO A 548 23.15 -4.41 -38.14
CA PRO A 548 23.70 -4.06 -39.45
C PRO A 548 22.62 -3.59 -40.43
N ILE A 549 22.76 -2.38 -40.94
CA ILE A 549 21.86 -1.87 -41.96
C ILE A 549 22.63 -1.77 -43.27
N ASP A 550 21.88 -1.40 -44.32
CA ASP A 550 22.40 -1.17 -45.64
C ASP A 550 21.91 0.13 -46.20
N GLU A 551 22.41 0.54 -47.31
CA GLU A 551 21.76 1.63 -47.92
C GLU A 551 20.47 1.08 -48.46
N LYS A 552 19.52 1.95 -48.71
CA LYS A 552 18.26 1.61 -49.37
C LYS A 552 17.28 0.80 -48.53
N ALA A 553 17.73 0.31 -47.37
CA ALA A 553 16.80 -0.10 -46.33
C ALA A 553 16.75 1.00 -45.27
N LEU A 554 17.45 2.06 -45.57
CA LEU A 554 17.43 3.25 -44.80
C LEU A 554 17.23 4.45 -45.63
N ALA A 555 16.75 4.26 -46.84
CA ALA A 555 16.20 5.31 -47.68
C ALA A 555 14.71 5.41 -47.39
N LYS A 556 14.22 4.42 -46.66
CA LYS A 556 12.83 4.37 -46.22
C LYS A 556 12.67 5.11 -44.90
N ASN A 558 13.15 8.67 -42.57
CA ASN A 558 13.02 10.11 -42.78
C ASN A 558 14.03 10.90 -41.98
N GLY A 559 13.92 12.23 -42.06
CA GLY A 559 14.84 13.12 -41.37
C GLY A 559 14.95 12.84 -39.89
N TYR A 560 13.83 12.54 -39.26
CA TYR A 560 13.81 12.35 -37.82
C TYR A 560 14.47 11.03 -37.40
N GLN A 561 14.17 9.95 -38.12
CA GLN A 561 14.77 8.65 -37.81
C GLN A 561 16.28 8.68 -38.09
N LEU A 562 16.63 9.17 -39.27
CA LEU A 562 18.04 9.29 -39.67
C LEU A 562 18.83 10.17 -38.70
N ALA A 563 18.23 11.29 -38.30
CA ALA A 563 18.90 12.20 -37.36
C ALA A 563 19.01 11.59 -35.97
N THR A 564 18.04 10.76 -35.61
CA THR A 564 18.11 10.04 -34.35
C THR A 564 19.30 9.08 -34.39
N ILE A 565 19.48 8.41 -35.53
CA ILE A 565 20.65 7.57 -35.74
C ILE A 565 21.95 8.36 -35.63
N CYS A 566 22.02 9.49 -36.34
CA CYS A 566 23.20 10.34 -36.36
C CYS A 566 23.57 10.85 -34.97
N LEU A 567 22.57 11.15 -34.16
CA LEU A 567 22.79 11.60 -32.80
C LEU A 567 23.21 10.45 -31.88
N GLU A 568 22.68 9.25 -32.15
CA GLU A 568 23.06 8.09 -31.35
C GLU A 568 24.50 7.67 -31.62
N GLU A 569 24.93 7.83 -32.87
CA GLU A 569 26.27 7.39 -33.28
C GLU A 569 27.38 8.22 -32.64
N LEU A 570 27.05 9.43 -32.20
CA LEU A 570 28.05 10.31 -31.59
C LEU A 570 28.43 9.89 -30.18
N ASN A 571 27.69 8.92 -29.62
CA ASN A 571 28.03 8.39 -28.31
C ASN A 571 29.21 7.44 -28.38
N SER A 572 29.81 7.34 -29.56
CA SER A 572 31.02 6.55 -29.77
C SER A 572 32.24 7.46 -29.72
N PRO A 573 33.40 6.92 -29.30
CA PRO A 573 34.64 7.69 -29.30
C PRO A 573 35.15 7.95 -30.72
N LYS A 574 35.16 6.93 -31.56
CA LYS A 574 35.57 7.07 -32.95
C LYS A 574 34.35 7.23 -33.85
N PRO A 575 34.49 8.03 -34.92
CA PRO A 575 33.44 8.18 -35.93
C PRO A 575 33.14 6.83 -36.60
N SER A 576 31.99 6.25 -36.27
CA SER A 576 31.62 4.94 -36.80
C SER A 576 31.32 4.96 -38.30
N PRO A 577 31.44 3.80 -38.96
CA PRO A 577 31.12 3.68 -40.39
C PRO A 577 29.67 4.01 -40.74
N LEU A 578 28.74 3.72 -39.84
CA LEU A 578 27.31 3.99 -40.07
C LEU A 578 27.06 5.47 -40.39
N ILE A 579 27.40 6.33 -39.44
CA ILE A 579 27.18 7.76 -39.60
C ILE A 579 27.96 8.31 -40.78
N GLU A 580 29.07 7.67 -41.11
CA GLU A 580 29.86 8.06 -42.28
C GLU A 580 29.02 7.80 -43.52
N ARG A 581 28.42 6.61 -43.57
CA ARG A 581 27.55 6.25 -44.68
C ARG A 581 26.36 7.20 -44.78
N ILE A 582 25.89 7.70 -43.64
CA ILE A 582 24.77 8.64 -43.66
C ILE A 582 25.14 10.05 -44.14
N LEU A 583 26.21 10.61 -43.60
CA LEU A 583 26.61 11.99 -43.90
C LEU A 583 27.34 12.11 -45.23
N SER A 584 27.86 11.00 -45.75
CA SER A 584 28.56 11.01 -47.02
C SER A 584 27.59 11.36 -48.13
N ASN A 585 26.33 10.99 -47.92
CA ASN A 585 25.27 11.14 -48.92
C ASN A 585 24.52 12.47 -48.80
N LYS A 586 24.19 13.05 -49.96
CA LYS A 586 23.44 14.31 -50.03
C LYS A 586 21.93 14.10 -50.13
N LYS A 587 21.54 12.88 -50.49
CA LYS A 587 20.13 12.48 -50.54
C LYS A 587 19.50 12.69 -49.17
N PHE A 588 20.25 12.29 -48.15
CA PHE A 588 19.75 12.24 -46.78
C PHE A 588 19.88 13.57 -46.05
N TRP A 589 20.85 14.38 -46.46
CA TRP A 589 21.14 15.61 -45.74
C TRP A 589 19.98 16.61 -45.75
N LYS A 590 19.20 16.60 -46.83
CA LYS A 590 17.99 17.44 -46.87
C LYS A 590 17.09 17.09 -45.69
N ARG A 591 16.73 15.81 -45.62
CA ARG A 591 15.86 15.30 -44.57
C ARG A 591 16.42 15.59 -43.18
N ILE A 592 17.67 15.17 -42.96
CA ILE A 592 18.28 15.29 -41.65
C ILE A 592 18.41 16.74 -41.19
N ASN A 593 18.89 17.60 -42.08
CA ASN A 593 19.02 19.01 -41.74
C ASN A 593 17.65 19.65 -41.49
N SER A 594 16.64 19.17 -42.20
CA SER A 594 15.27 19.63 -41.97
C SER A 594 14.82 19.26 -40.56
N ALA A 595 15.05 18.00 -40.19
CA ALA A 595 14.72 17.51 -38.86
C ALA A 595 15.45 18.28 -37.76
N PHE A 596 16.73 18.60 -38.01
CA PHE A 596 17.50 19.43 -37.09
C PHE A 596 16.88 20.83 -36.98
N GLU A 597 16.40 21.35 -38.11
CA GLU A 597 15.83 22.69 -38.15
C GLU A 597 14.40 22.73 -37.62
N SER A 598 13.84 21.56 -37.33
CA SER A 598 12.49 21.49 -36.75
C SER A 598 12.49 21.86 -35.27
N GLY A 599 13.63 21.68 -34.62
CA GLY A 599 13.76 22.01 -33.21
C GLY A 599 13.24 20.91 -32.29
N VAL A 600 12.96 19.75 -32.87
CA VAL A 600 12.43 18.63 -32.11
C VAL A 600 13.45 18.09 -31.10
N PHE A 601 14.74 18.23 -31.42
CA PHE A 601 15.79 17.64 -30.61
C PHE A 601 16.35 18.58 -29.55
N LYS A 602 15.79 19.79 -29.46
CA LYS A 602 16.36 20.83 -28.60
C LYS A 602 16.21 20.53 -27.10
N GLY A 603 15.23 19.72 -26.73
CA GLY A 603 14.98 19.42 -25.34
C GLY A 603 15.69 18.17 -24.84
N ARG A 604 16.59 17.63 -25.64
CA ARG A 604 17.31 16.42 -25.29
C ARG A 604 18.21 16.62 -24.08
N THR A 605 18.78 15.52 -23.59
CA THR A 605 19.66 15.56 -22.43
C THR A 605 21.12 15.77 -22.82
N ASP A 606 21.55 15.10 -23.89
CA ASP A 606 22.95 14.99 -24.25
C ASP A 606 23.53 16.15 -25.07
N ASP A 607 23.26 17.38 -24.67
CA ASP A 607 23.78 18.56 -25.37
C ASP A 607 23.52 18.48 -26.87
N PRO A 608 22.25 18.61 -27.29
CA PRO A 608 21.93 18.43 -28.71
C PRO A 608 22.48 19.54 -29.61
N ALA A 609 22.72 20.73 -29.06
CA ALA A 609 23.24 21.84 -29.87
C ALA A 609 24.63 21.52 -30.43
N GLY A 610 25.58 21.29 -29.54
CA GLY A 610 26.94 20.97 -29.93
C GLY A 610 27.00 19.70 -30.76
N LYS A 611 26.13 18.76 -30.43
CA LYS A 611 26.05 17.50 -31.16
C LYS A 611 25.67 17.76 -32.62
N ILE A 612 24.61 18.52 -32.82
CA ILE A 612 24.17 18.90 -34.17
C ILE A 612 25.23 19.68 -34.92
N ALA A 613 25.84 20.67 -34.27
CA ALA A 613 26.90 21.45 -34.90
C ALA A 613 28.06 20.55 -35.34
N LYS A 614 28.34 19.54 -34.52
CA LYS A 614 29.40 18.58 -34.81
C LYS A 614 29.05 17.78 -36.05
N ILE A 615 27.85 17.23 -36.06
CA ILE A 615 27.33 16.52 -37.24
C ILE A 615 27.44 17.39 -38.50
N ARG A 616 27.20 18.68 -38.32
CA ARG A 616 27.32 19.63 -39.42
C ARG A 616 28.76 19.83 -39.89
N GLU A 617 29.71 19.88 -38.98
CA GLU A 617 31.11 20.05 -39.39
C GLU A 617 31.63 18.79 -40.06
N TRP A 618 31.13 17.63 -39.62
CA TRP A 618 31.48 16.39 -40.28
C TRP A 618 30.91 16.34 -41.70
N HIS A 619 29.62 16.67 -41.81
CA HIS A 619 28.96 16.75 -43.11
C HIS A 619 29.67 17.70 -44.05
N GLN A 620 30.12 18.84 -43.51
CA GLN A 620 30.87 19.84 -44.26
C GLN A 620 32.20 19.27 -44.71
N LEU A 621 32.81 18.48 -43.83
CA LEU A 621 34.10 17.86 -44.13
C LEU A 621 33.96 16.88 -45.29
N LEU A 622 32.86 16.15 -45.32
CA LEU A 622 32.65 15.17 -46.40
C LEU A 622 32.13 15.79 -47.70
N GLN A 623 32.26 17.10 -47.84
CA GLN A 623 31.74 17.80 -49.02
C GLN A 623 32.82 18.38 -49.93
N ILE A 624 34.04 18.52 -49.41
CA ILE A 624 35.12 19.08 -50.21
C ILE A 624 35.52 18.14 -51.34
N SER A 625 35.58 16.85 -51.04
CA SER A 625 35.92 15.83 -52.02
C SER A 625 35.27 14.50 -51.71
N PHE B 56 9.23 -8.55 43.17
CA PHE B 56 8.08 -9.08 42.49
C PHE B 56 6.93 -9.39 43.42
N THR B 57 5.89 -9.97 42.84
CA THR B 57 4.83 -10.58 43.63
C THR B 57 4.50 -11.92 42.97
N GLU B 58 5.39 -12.38 42.09
CA GLU B 58 5.18 -13.56 41.26
C GLU B 58 5.11 -14.87 42.05
N LEU B 59 6.06 -15.06 42.96
CA LEU B 59 6.21 -16.33 43.67
C LEU B 59 5.14 -16.51 44.76
N PHE B 60 4.21 -15.55 44.85
CA PHE B 60 3.15 -15.63 45.84
C PHE B 60 2.22 -16.81 45.60
N ALA B 61 1.88 -17.51 46.67
CA ALA B 61 1.07 -18.73 46.58
C ALA B 61 -0.37 -18.48 46.98
N GLY B 62 -1.30 -18.88 46.10
CA GLY B 62 -2.71 -18.83 46.41
C GLY B 62 -3.23 -20.21 46.72
N LEU B 63 -3.62 -20.46 47.97
CA LEU B 63 -3.98 -21.81 48.38
C LEU B 63 -5.44 -21.94 48.74
N LEU B 64 -6.23 -22.51 47.84
CA LEU B 64 -7.63 -22.81 48.08
C LEU B 64 -8.05 -24.11 47.40
N HIS B 108 -4.97 -15.46 23.26
CA HIS B 108 -5.80 -14.67 22.35
C HIS B 108 -5.12 -14.18 21.09
N LYS B 109 -4.61 -15.13 20.37
CA LYS B 109 -4.38 -15.03 18.95
C LYS B 109 -5.47 -15.95 18.41
N VAL B 110 -6.31 -16.34 19.37
CA VAL B 110 -7.55 -17.08 19.17
C VAL B 110 -8.58 -16.21 18.47
N ILE B 111 -8.58 -14.92 18.82
CA ILE B 111 -9.47 -13.95 18.22
C ILE B 111 -9.22 -13.82 16.71
N GLY B 112 -7.98 -14.04 16.29
CA GLY B 112 -7.61 -13.94 14.90
C GLY B 112 -7.88 -15.21 14.12
N HIS B 159 -6.47 -6.08 36.91
CA HIS B 159 -5.13 -5.52 37.02
C HIS B 159 -4.20 -6.11 35.97
N SER B 160 -3.80 -5.30 35.00
CA SER B 160 -3.03 -5.78 33.86
C SER B 160 -3.51 -7.10 33.36
N VAL B 161 -4.79 -7.15 33.07
CA VAL B 161 -5.34 -8.25 32.27
C VAL B 161 -5.25 -7.85 30.81
N HIS B 162 -4.79 -8.76 29.96
CA HIS B 162 -4.71 -8.46 28.54
C HIS B 162 -4.73 -9.67 27.61
N SER B 163 -4.57 -9.41 26.31
CA SER B 163 -4.70 -10.43 25.28
C SER B 163 -3.66 -11.54 25.34
N GLY B 164 -2.45 -11.19 25.78
CA GLY B 164 -1.37 -12.16 25.88
C GLY B 164 -1.34 -12.81 27.25
N ASN B 165 -2.17 -12.30 28.15
CA ASN B 165 -2.31 -12.83 29.49
C ASN B 165 -3.22 -14.03 29.52
N ILE B 166 -4.48 -13.77 29.20
CA ILE B 166 -5.55 -14.75 29.29
C ILE B 166 -5.37 -15.86 28.25
N VAL B 167 -5.30 -17.09 28.73
CA VAL B 167 -5.10 -18.22 27.85
C VAL B 167 -6.33 -19.13 27.83
N VAL B 168 -6.57 -19.75 26.68
CA VAL B 168 -7.67 -20.69 26.54
C VAL B 168 -7.10 -22.10 26.49
N LEU B 169 -7.50 -22.94 27.45
CA LEU B 169 -6.99 -24.30 27.52
C LEU B 169 -7.49 -25.16 26.37
N GLU B 173 -10.65 -24.21 29.29
CA GLU B 173 -11.16 -23.01 29.95
C GLU B 173 -10.15 -21.87 29.92
N LYS B 174 -10.36 -20.86 30.78
CA LYS B 174 -9.53 -19.66 30.77
C LYS B 174 -8.87 -19.39 32.12
N GLU B 175 -7.56 -19.18 32.10
CA GLU B 175 -6.82 -18.77 33.29
C GLU B 175 -5.76 -17.74 32.92
N LYS B 176 -5.30 -16.95 33.89
CA LYS B 176 -4.21 -15.99 33.69
C LYS B 176 -2.89 -16.76 33.75
N SER B 177 -1.83 -16.23 33.14
CA SER B 177 -0.56 -16.95 33.10
C SER B 177 0.57 -16.26 33.87
N LYS B 178 0.58 -14.93 33.85
CA LYS B 178 1.55 -14.14 34.59
C LYS B 178 0.90 -13.36 35.73
N GLN B 179 1.19 -13.79 36.94
CA GLN B 179 0.63 -13.10 38.06
C GLN B 179 1.57 -12.01 38.53
N PHE B 180 1.07 -10.94 39.15
CA PHE B 180 1.83 -9.67 39.21
C PHE B 180 2.79 -9.34 40.29
N ARG B 208 -9.27 -9.24 41.46
CA ARG B 208 -8.03 -9.94 41.78
C ARG B 208 -8.22 -11.38 41.39
N GLY B 209 -9.02 -12.05 42.20
CA GLY B 209 -9.54 -13.37 41.96
C GLY B 209 -10.83 -13.18 41.20
N TRP B 210 -10.94 -13.78 40.02
CA TRP B 210 -12.00 -13.51 39.07
C TRP B 210 -12.87 -14.75 38.94
N LYS B 218 2.47 -3.05 25.35
CA LYS B 218 2.82 -3.62 24.06
C LYS B 218 1.68 -4.47 23.53
N ASP B 219 0.88 -5.00 24.45
CA ASP B 219 -0.23 -5.86 24.09
C ASP B 219 -1.56 -5.17 24.36
N TYR B 220 -2.63 -5.78 23.90
CA TYR B 220 -3.92 -5.12 23.84
C TYR B 220 -4.74 -5.45 25.08
N PHE B 221 -4.99 -4.42 25.89
CA PHE B 221 -5.68 -4.57 27.17
C PHE B 221 -7.02 -5.27 27.04
N LEU B 222 -7.46 -5.90 28.11
CA LEU B 222 -8.79 -6.50 28.16
C LEU B 222 -9.72 -5.62 28.99
N ASN B 223 -10.99 -5.55 28.63
CA ASN B 223 -11.93 -4.84 29.46
C ASN B 223 -13.08 -5.72 29.82
N TYR B 224 -13.67 -5.47 30.96
CA TYR B 224 -14.63 -6.37 31.61
C TYR B 224 -16.08 -6.23 31.13
N LYS B 225 -16.36 -5.28 30.27
CA LYS B 225 -17.75 -5.02 29.98
C LYS B 225 -18.10 -5.24 28.53
N ILE B 227 -18.62 -8.02 29.27
CA ILE B 227 -18.52 -9.42 28.92
C ILE B 227 -19.56 -10.25 29.67
N LEU B 258 2.95 -19.82 38.79
CA LEU B 258 2.74 -21.18 39.23
C LEU B 258 4.01 -21.93 38.92
N LYS B 259 4.27 -22.15 37.64
CA LYS B 259 5.50 -22.76 37.14
C LYS B 259 6.74 -21.99 37.51
N ASN B 260 7.01 -21.90 38.82
CA ASN B 260 8.02 -21.00 39.39
C ASN B 260 9.26 -20.73 38.53
N ILE B 261 9.58 -21.73 37.74
CA ILE B 261 10.85 -21.90 37.03
C ILE B 261 10.87 -21.03 35.75
N PRO B 262 11.83 -21.22 34.83
CA PRO B 262 11.66 -20.40 33.65
C PRO B 262 11.29 -21.26 32.46
N ALA B 263 10.95 -22.49 32.74
CA ALA B 263 10.26 -23.39 31.82
C ALA B 263 10.89 -23.58 30.44
N ASP B 264 12.20 -23.85 30.39
CA ASP B 264 12.88 -24.30 29.18
C ASP B 264 13.35 -25.74 29.27
N LEU B 265 12.72 -26.62 28.48
CA LEU B 265 13.09 -28.02 28.44
C LEU B 265 12.77 -28.53 27.06
N LYS B 335 -24.08 8.84 19.77
CA LYS B 335 -22.91 8.10 20.13
C LYS B 335 -22.82 6.71 19.49
N PRO B 336 -23.66 5.76 19.90
CA PRO B 336 -23.46 4.40 19.38
C PRO B 336 -23.50 4.40 17.86
N LEU B 337 -22.79 3.46 17.24
CA LEU B 337 -22.65 3.45 15.79
C LEU B 337 -22.34 2.05 15.29
N THR B 338 -22.97 1.66 14.18
CA THR B 338 -22.79 0.31 13.66
C THR B 338 -22.98 0.27 12.16
N LEU B 339 -22.85 -0.94 11.61
CA LEU B 339 -23.06 -1.17 10.21
C LEU B 339 -24.31 -2.01 10.02
N LEU B 340 -25.45 -1.33 9.85
CA LEU B 340 -26.70 -2.01 9.60
C LEU B 340 -26.80 -2.40 8.13
N THR B 342 -29.52 -3.17 4.82
CA THR B 342 -30.85 -2.83 4.37
C THR B 342 -31.52 -4.00 3.70
N SER B 343 -32.84 -3.94 3.58
CA SER B 343 -33.64 -5.11 3.20
C SER B 343 -33.45 -5.61 1.77
N SER B 344 -33.53 -4.73 0.79
CA SER B 344 -33.55 -5.14 -0.61
C SER B 344 -32.33 -4.77 -1.45
N THR B 345 -31.16 -5.26 -1.09
CA THR B 345 -29.95 -4.95 -1.84
C THR B 345 -29.00 -6.11 -2.08
N SER B 346 -27.79 -5.75 -2.50
CA SER B 346 -26.73 -6.71 -2.80
C SER B 346 -25.51 -6.43 -1.94
N PHE B 347 -24.50 -7.28 -2.06
CA PHE B 347 -23.26 -7.15 -1.31
C PHE B 347 -22.59 -5.82 -1.61
N SER B 348 -22.59 -5.45 -2.88
CA SER B 348 -21.96 -4.22 -3.35
C SER B 348 -22.45 -2.98 -2.62
N GLU B 349 -23.76 -2.72 -2.71
CA GLU B 349 -24.36 -1.57 -2.06
C GLU B 349 -24.14 -1.57 -0.56
N THR B 350 -24.20 -2.76 0.03
CA THR B 350 -23.99 -2.93 1.46
C THR B 350 -22.59 -2.49 1.84
N ILE B 351 -21.61 -2.77 0.97
CA ILE B 351 -20.24 -2.31 1.20
C ILE B 351 -20.11 -0.80 0.96
N ASN B 352 -20.79 -0.33 -0.06
CA ASN B 352 -20.70 1.06 -0.50
C ASN B 352 -21.23 2.05 0.54
N GLN B 353 -22.42 1.77 1.06
CA GLN B 353 -22.98 2.54 2.18
C GLN B 353 -22.03 2.55 3.38
N TRP B 354 -21.62 1.35 3.82
CA TRP B 354 -20.75 1.19 4.97
C TRP B 354 -19.45 1.99 4.84
N ALA B 355 -18.82 1.90 3.68
CA ALA B 355 -17.62 2.67 3.39
C ALA B 355 -17.91 4.13 3.56
N ASP B 356 -19.02 4.58 2.98
CA ASP B 356 -19.42 5.98 3.13
C ASP B 356 -19.89 6.31 4.55
N ILE B 357 -19.94 5.31 5.42
CA ILE B 357 -20.27 5.53 6.83
C ILE B 357 -19.01 5.71 7.64
N LEU B 358 -17.99 4.90 7.33
CA LEU B 358 -16.70 5.01 7.98
C LEU B 358 -15.90 6.19 7.42
N LYS B 359 -16.36 6.77 6.32
CA LYS B 359 -15.74 7.98 5.79
C LYS B 359 -16.41 9.24 6.33
N THR B 360 -17.61 9.51 5.83
CA THR B 360 -18.37 10.72 6.16
C THR B 360 -18.39 11.07 7.64
N LYS B 365 -16.90 11.37 19.52
CA LYS B 365 -18.19 11.29 20.18
C LYS B 365 -18.92 10.00 19.79
N PHE B 366 -18.34 9.23 18.86
CA PHE B 366 -19.00 8.03 18.37
C PHE B 366 -18.40 6.71 18.85
N SER B 367 -19.22 5.90 19.52
CA SER B 367 -18.81 4.60 20.03
C SER B 367 -19.20 3.49 19.07
N PHE B 368 -18.37 2.46 18.96
CA PHE B 368 -18.62 1.39 17.99
C PHE B 368 -19.19 0.11 18.63
N ASP B 369 -20.29 -0.36 18.04
CA ASP B 369 -21.01 -1.52 18.54
C ASP B 369 -21.26 -2.48 17.37
N SER B 370 -20.70 -3.68 17.44
CA SER B 370 -20.84 -4.63 16.32
C SER B 370 -21.79 -5.79 16.62
N ASN B 371 -22.59 -5.65 17.66
CA ASN B 371 -23.63 -6.63 18.00
C ASN B 371 -24.81 -6.66 17.02
N PRO B 372 -25.27 -5.48 16.55
CA PRO B 372 -26.29 -5.50 15.50
C PRO B 372 -25.80 -6.05 14.15
N ILE B 373 -24.48 -6.19 13.99
CA ILE B 373 -23.92 -6.72 12.75
C ILE B 373 -24.37 -8.16 12.49
N ASN B 374 -25.19 -8.34 11.46
CA ASN B 374 -25.67 -9.65 11.06
C ASN B 374 -24.74 -10.24 10.00
N LEU B 375 -23.87 -11.15 10.42
CA LEU B 375 -22.94 -11.78 9.49
C LEU B 375 -23.62 -12.74 8.52
N LEU B 376 -24.68 -13.39 8.97
CA LEU B 376 -25.37 -14.38 8.14
C LEU B 376 -25.99 -13.76 6.88
N GLU B 377 -26.69 -12.64 7.05
CA GLU B 377 -27.26 -11.93 5.90
C GLU B 377 -26.17 -11.48 4.94
N LEU B 378 -25.03 -11.11 5.49
CA LEU B 378 -23.94 -10.59 4.67
C LEU B 378 -23.34 -11.66 3.89
N VAL B 379 -23.22 -12.79 4.50
CA VAL B 379 -22.68 -13.98 3.85
C VAL B 379 -23.61 -14.46 2.74
N LYS B 380 -24.91 -14.49 3.02
CA LYS B 380 -25.91 -14.82 2.00
C LYS B 380 -25.75 -13.90 0.79
N GLN B 381 -25.67 -12.61 1.06
CA GLN B 381 -25.47 -11.62 0.02
C GLN B 381 -24.22 -11.92 -0.81
N PHE B 382 -23.11 -12.18 -0.13
CA PHE B 382 -21.85 -12.46 -0.79
C PHE B 382 -21.95 -13.67 -1.72
N ASN B 383 -22.58 -14.73 -1.22
CA ASN B 383 -22.77 -15.92 -2.04
C ASN B 383 -23.60 -15.61 -3.28
N LEU B 384 -24.57 -14.75 -3.13
CA LEU B 384 -25.37 -14.40 -4.27
C LEU B 384 -24.58 -13.64 -5.26
N TYR B 385 -23.76 -12.74 -4.76
CA TYR B 385 -22.85 -11.96 -5.59
C TYR B 385 -21.99 -12.89 -6.45
N VAL B 386 -21.39 -13.88 -5.79
CA VAL B 386 -20.62 -14.90 -6.47
C VAL B 386 -21.43 -15.57 -7.58
N ASP B 387 -22.68 -15.91 -7.32
CA ASP B 387 -23.54 -16.45 -8.40
C ASP B 387 -23.85 -15.51 -9.52
N GLU B 388 -24.10 -14.28 -9.21
CA GLU B 388 -24.36 -13.32 -10.26
C GLU B 388 -23.16 -13.18 -11.18
N LEU B 389 -21.96 -13.08 -10.59
CA LEU B 389 -20.75 -12.97 -11.40
C LEU B 389 -20.53 -14.25 -12.22
N ALA B 390 -20.79 -15.40 -11.61
CA ALA B 390 -20.62 -16.68 -12.29
C ALA B 390 -21.56 -16.86 -13.48
N ILE B 391 -22.84 -16.58 -13.29
CA ILE B 391 -23.81 -16.70 -14.38
C ILE B 391 -23.51 -15.66 -15.47
N THR B 392 -23.10 -14.48 -15.05
CA THR B 392 -22.70 -13.44 -15.99
C THR B 392 -21.59 -13.95 -16.90
N CYS B 393 -20.51 -14.41 -16.29
CA CYS B 393 -19.35 -14.90 -17.05
C CYS B 393 -19.68 -16.13 -17.88
N GLU B 394 -20.66 -16.92 -17.45
CA GLU B 394 -21.08 -18.07 -18.23
C GLU B 394 -21.85 -17.61 -19.46
N ALA B 395 -22.57 -16.49 -19.32
CA ALA B 395 -23.40 -15.97 -20.40
C ALA B 395 -22.62 -15.17 -21.44
N ASN B 396 -21.68 -14.37 -20.98
CA ASN B 396 -20.98 -13.43 -21.84
C ASN B 396 -19.56 -13.78 -22.22
N ASN B 397 -18.99 -14.79 -21.63
CA ASN B 397 -17.56 -15.07 -21.76
C ASN B 397 -17.28 -16.50 -22.19
N VAL B 398 -17.18 -16.73 -23.50
CA VAL B 398 -16.99 -18.08 -24.03
C VAL B 398 -15.57 -18.29 -24.55
N TRP B 399 -14.88 -17.18 -24.80
CA TRP B 399 -13.48 -17.19 -25.19
C TRP B 399 -12.61 -17.77 -24.10
N ALA B 400 -12.97 -17.49 -22.85
CA ALA B 400 -12.21 -17.97 -21.70
C ALA B 400 -13.11 -18.28 -20.51
N GLU B 402 -16.97 -17.91 -16.40
CA GLU B 402 -15.91 -17.83 -15.43
C GLU B 402 -16.51 -17.31 -14.17
N ASN B 409 -9.54 -19.38 -18.56
CA ASN B 409 -9.93 -20.46 -19.42
C ASN B 409 -9.31 -21.69 -18.88
N LEU B 410 -9.94 -22.81 -19.18
CA LEU B 410 -9.64 -24.13 -18.66
C LEU B 410 -8.20 -24.36 -18.37
N PHE B 411 -7.89 -24.75 -17.16
CA PHE B 411 -6.53 -25.03 -16.71
C PHE B 411 -6.28 -26.53 -16.80
N ALA B 412 -6.51 -27.09 -17.99
CA ALA B 412 -6.37 -28.52 -18.19
C ALA B 412 -4.90 -28.92 -18.26
N LEU B 413 -4.07 -27.98 -18.71
CA LEU B 413 -2.65 -28.24 -18.87
C LEU B 413 -1.86 -27.63 -17.72
N TYR B 414 -2.52 -27.47 -16.59
CA TYR B 414 -1.88 -26.97 -15.38
C TYR B 414 -2.06 -27.99 -14.26
N ASP B 415 -2.72 -29.09 -14.59
CA ASP B 415 -2.88 -30.19 -13.64
C ASP B 415 -1.57 -30.96 -13.50
N ASN B 416 -0.85 -30.68 -12.43
CA ASN B 416 0.25 -31.52 -12.03
C ASN B 416 -0.08 -32.04 -10.64
N SER B 417 -1.34 -32.40 -10.46
CA SER B 417 -1.85 -32.88 -9.18
C SER B 417 -2.36 -34.31 -9.35
N GLY B 418 -2.60 -34.70 -10.60
CA GLY B 418 -3.23 -35.96 -10.90
C GLY B 418 -2.39 -37.19 -10.63
N GLY B 419 -3.01 -38.36 -10.78
CA GLY B 419 -4.40 -38.44 -11.19
C GLY B 419 -5.36 -38.65 -10.04
N GLU B 420 -4.82 -38.73 -8.82
CA GLU B 420 -5.61 -39.03 -7.64
C GLU B 420 -6.50 -37.87 -7.18
N ALA B 421 -7.28 -38.12 -6.13
CA ALA B 421 -8.18 -37.13 -5.58
C ALA B 421 -7.54 -36.36 -4.43
N ILE B 422 -7.76 -35.05 -4.41
CA ILE B 422 -7.28 -34.20 -3.33
C ILE B 422 -8.48 -33.58 -2.61
N HIS B 423 -8.66 -33.94 -1.35
CA HIS B 423 -9.71 -33.36 -0.54
C HIS B 423 -11.09 -33.76 -1.00
N GLY B 424 -11.27 -35.03 -1.31
CA GLY B 424 -12.54 -35.54 -1.75
C GLY B 424 -12.82 -35.31 -3.23
N HIS B 425 -12.03 -34.43 -3.85
CA HIS B 425 -12.22 -34.10 -5.26
C HIS B 425 -11.00 -34.48 -6.09
N ALA B 426 -11.24 -35.14 -7.22
CA ALA B 426 -10.20 -35.38 -8.20
C ALA B 426 -10.26 -34.28 -9.25
N PHE B 427 -9.25 -34.22 -10.12
CA PHE B 427 -9.20 -33.16 -11.11
C PHE B 427 -9.82 -33.61 -12.44
N VAL B 428 -10.99 -33.06 -12.75
CA VAL B 428 -11.62 -33.29 -14.04
C VAL B 428 -11.39 -32.08 -14.93
N PRO B 429 -10.67 -32.29 -16.04
CA PRO B 429 -10.26 -31.22 -16.98
C PRO B 429 -11.41 -30.69 -17.83
N TYR B 430 -12.64 -30.82 -17.39
CA TYR B 430 -13.75 -30.35 -18.19
C TYR B 430 -14.73 -29.50 -17.41
N TYR B 431 -14.38 -29.15 -16.20
CA TYR B 431 -15.19 -28.23 -15.43
C TYR B 431 -15.35 -26.92 -16.18
N LYS B 432 -16.57 -26.40 -16.20
CA LYS B 432 -16.78 -25.03 -16.61
C LYS B 432 -16.12 -24.21 -15.52
N GLU B 433 -15.61 -23.04 -15.89
CA GLU B 433 -14.84 -22.25 -14.94
C GLU B 433 -15.75 -21.42 -14.03
N SER B 434 -17.04 -21.40 -14.35
CA SER B 434 -18.04 -20.76 -13.49
C SER B 434 -18.37 -21.62 -12.26
N ILE B 435 -18.50 -22.92 -12.48
CA ILE B 435 -18.66 -23.85 -11.37
C ILE B 435 -17.42 -23.81 -10.48
N VAL B 436 -16.26 -23.78 -11.10
CA VAL B 436 -15.00 -23.67 -10.37
C VAL B 436 -14.98 -22.40 -9.54
N LEU B 437 -15.45 -21.30 -10.14
CA LEU B 437 -15.59 -20.04 -9.44
C LEU B 437 -16.44 -20.25 -8.18
N ARG B 438 -17.65 -20.76 -8.39
CA ARG B 438 -18.58 -20.99 -7.30
C ARG B 438 -17.97 -21.80 -6.16
N ARG B 439 -17.51 -23.01 -6.46
CA ARG B 439 -16.97 -23.90 -5.43
C ARG B 439 -15.73 -23.32 -4.77
N LEU B 440 -15.01 -22.45 -5.48
CA LEU B 440 -13.80 -21.85 -4.92
C LEU B 440 -14.08 -20.69 -3.98
N PHE B 441 -15.10 -19.90 -4.28
CA PHE B 441 -15.29 -18.64 -3.57
C PHE B 441 -16.57 -18.53 -2.72
N THR B 442 -17.49 -19.47 -2.89
CA THR B 442 -18.72 -19.48 -2.11
C THR B 442 -18.44 -19.82 -0.65
N VAL B 443 -19.07 -19.07 0.26
CA VAL B 443 -18.90 -19.26 1.70
C VAL B 443 -20.05 -20.06 2.31
N ASP B 444 -19.74 -21.25 2.82
CA ASP B 444 -20.74 -22.06 3.50
C ASP B 444 -21.28 -21.32 4.73
N PRO B 445 -22.60 -21.10 4.78
CA PRO B 445 -23.23 -20.36 5.88
C PRO B 445 -23.21 -21.12 7.19
N ASN B 446 -23.06 -22.44 7.13
CA ASN B 446 -23.02 -23.25 8.34
C ASN B 446 -21.59 -23.50 8.84
N THR B 447 -20.66 -22.68 8.35
CA THR B 447 -19.26 -22.79 8.75
C THR B 447 -18.57 -21.42 8.69
N PHE B 448 -19.03 -20.59 7.74
CA PHE B 448 -18.55 -19.21 7.56
C PHE B 448 -17.15 -19.09 6.93
N ASN B 449 -16.58 -20.20 6.51
CA ASN B 449 -15.37 -20.18 5.69
C ASN B 449 -15.53 -21.02 4.43
N LEU B 450 -14.55 -20.93 3.54
CA LEU B 450 -14.68 -21.52 2.21
C LEU B 450 -14.58 -23.05 2.20
N SER B 451 -15.29 -23.66 1.27
CA SER B 451 -15.25 -25.11 1.09
C SER B 451 -14.06 -25.47 0.20
N ARG B 452 -13.17 -26.32 0.72
CA ARG B 452 -11.96 -26.66 0.00
C ARG B 452 -12.19 -27.43 -1.30
N PHE B 453 -11.92 -26.76 -2.42
CA PHE B 453 -11.99 -27.34 -3.75
C PHE B 453 -10.53 -27.46 -4.19
N ALA B 454 -9.79 -28.29 -3.47
CA ALA B 454 -8.33 -28.31 -3.52
C ALA B 454 -7.72 -28.76 -4.85
N ALA B 455 -8.39 -29.70 -5.52
CA ALA B 455 -7.91 -30.20 -6.80
C ALA B 455 -7.84 -29.10 -7.85
N PHE B 456 -8.44 -27.96 -7.55
CA PHE B 456 -8.43 -26.81 -8.43
C PHE B 456 -7.82 -25.59 -7.78
N GLU B 457 -7.30 -25.76 -6.57
CA GLU B 457 -6.59 -24.67 -5.90
C GLU B 457 -5.23 -24.52 -6.55
N GLY B 458 -4.60 -25.66 -6.85
CA GLY B 458 -3.31 -25.68 -7.52
C GLY B 458 -3.30 -25.12 -8.93
N PRO B 459 -3.96 -25.81 -9.87
CA PRO B 459 -4.03 -25.43 -11.29
C PRO B 459 -4.35 -23.95 -11.53
N CYS B 460 -5.31 -23.40 -10.80
CA CYS B 460 -5.69 -22.01 -10.98
C CYS B 460 -4.55 -21.06 -10.61
N GLN B 461 -3.83 -21.39 -9.55
CA GLN B 461 -2.69 -20.59 -9.10
C GLN B 461 -1.72 -20.33 -10.23
N LEU B 462 -1.42 -21.38 -10.94
CA LEU B 462 -0.45 -21.33 -11.97
C LEU B 462 -0.93 -20.47 -13.13
N TYR B 463 -2.09 -20.79 -13.67
CA TYR B 463 -2.75 -20.00 -14.72
C TYR B 463 -2.55 -18.51 -14.49
N CYS B 464 -2.75 -18.10 -13.24
CA CYS B 464 -2.73 -16.74 -12.89
C CYS B 464 -1.40 -16.08 -13.10
N LYS B 465 -0.34 -16.87 -13.27
CA LYS B 465 1.04 -16.37 -13.39
C LYS B 465 1.34 -15.82 -14.79
N GLU B 466 0.89 -16.51 -15.84
CA GLU B 466 1.13 -16.03 -17.20
C GLU B 466 -0.01 -15.19 -17.75
N HIS B 467 -1.11 -15.09 -16.99
CA HIS B 467 -2.25 -14.29 -17.38
C HIS B 467 -2.64 -13.33 -16.26
N LYS B 468 -1.76 -12.40 -15.91
CA LYS B 468 -2.00 -11.51 -14.78
C LYS B 468 -2.91 -10.33 -15.13
N ASP B 469 -3.59 -10.41 -16.26
CA ASP B 469 -4.53 -9.38 -16.67
C ASP B 469 -5.87 -10.03 -17.02
N SER B 470 -5.91 -11.35 -16.98
CA SER B 470 -7.09 -12.12 -17.38
C SER B 470 -8.30 -11.88 -16.47
N ALA B 471 -9.41 -12.53 -16.81
CA ALA B 471 -10.66 -12.33 -16.09
C ALA B 471 -10.71 -13.06 -14.75
N TRP B 472 -10.17 -14.27 -14.71
CA TRP B 472 -10.16 -15.08 -13.49
C TRP B 472 -9.42 -14.38 -12.34
N VAL B 473 -8.37 -13.66 -12.69
CA VAL B 473 -7.44 -13.09 -11.72
C VAL B 473 -7.87 -11.70 -11.25
N LYS B 474 -8.83 -11.12 -11.91
CA LYS B 474 -9.35 -9.89 -11.43
C LYS B 474 -10.63 -10.08 -10.72
N ILE B 475 -11.18 -11.28 -10.85
CA ILE B 475 -12.30 -11.73 -10.05
C ILE B 475 -11.81 -12.26 -8.71
N GLN B 476 -10.80 -13.13 -8.75
CA GLN B 476 -10.34 -13.80 -7.53
C GLN B 476 -9.84 -12.82 -6.46
N THR B 477 -9.26 -11.71 -6.88
CA THR B 477 -8.85 -10.68 -5.93
C THR B 477 -10.08 -10.04 -5.33
N LEU B 478 -11.11 -9.91 -6.14
CA LEU B 478 -12.34 -9.30 -5.72
C LEU B 478 -13.03 -10.09 -4.67
N LEU B 479 -13.17 -11.36 -4.93
CA LEU B 479 -13.83 -12.25 -3.99
C LEU B 479 -12.97 -12.57 -2.77
N THR B 480 -11.66 -12.47 -2.93
CA THR B 480 -10.75 -12.62 -1.80
C THR B 480 -10.92 -11.41 -0.86
N LEU B 481 -11.15 -10.24 -1.44
CA LEU B 481 -11.40 -9.04 -0.65
C LEU B 481 -12.80 -9.10 -0.03
N GLY B 482 -13.73 -9.67 -0.79
CA GLY B 482 -15.09 -9.86 -0.33
C GLY B 482 -15.14 -10.75 0.90
N ASN B 483 -14.47 -11.86 0.87
CA ASN B 483 -14.37 -12.71 2.02
C ASN B 483 -13.40 -12.21 3.07
N GLY B 484 -12.54 -11.31 2.69
CA GLY B 484 -11.69 -10.61 3.63
C GLY B 484 -12.48 -9.70 4.55
N ILE B 485 -13.39 -8.93 3.97
CA ILE B 485 -14.27 -8.05 4.74
C ILE B 485 -15.03 -8.85 5.79
N ILE B 486 -15.57 -9.98 5.36
CA ILE B 486 -16.31 -10.89 6.23
C ILE B 486 -15.45 -11.37 7.40
N ASN B 487 -14.29 -11.94 7.10
CA ASN B 487 -13.40 -12.45 8.15
C ASN B 487 -13.02 -11.34 9.13
N THR B 488 -12.66 -10.19 8.60
CA THR B 488 -12.30 -9.04 9.43
C THR B 488 -13.44 -8.64 10.37
N LEU B 489 -14.67 -8.68 9.87
CA LEU B 489 -15.82 -8.42 10.71
C LEU B 489 -15.95 -9.48 11.81
N LYS B 490 -15.70 -10.73 11.47
CA LYS B 490 -15.64 -11.78 12.48
C LYS B 490 -14.60 -11.53 13.54
N ILE B 491 -13.43 -11.08 13.14
CA ILE B 491 -12.34 -10.74 14.06
C ILE B 491 -12.76 -9.60 14.97
N ILE B 492 -13.51 -8.65 14.43
CA ILE B 492 -14.01 -7.54 15.23
C ILE B 492 -15.00 -8.03 16.29
N LYS B 493 -15.96 -8.86 15.86
CA LYS B 493 -16.95 -9.39 16.80
C LYS B 493 -16.31 -10.21 17.92
N GLN B 494 -15.39 -11.09 17.54
CA GLN B 494 -14.69 -11.94 18.49
C GLN B 494 -13.84 -11.11 19.46
N ALA B 495 -13.04 -10.20 18.92
CA ALA B 495 -12.20 -9.34 19.76
C ALA B 495 -13.04 -8.38 20.59
N GLN B 496 -14.32 -8.31 20.31
CA GLN B 496 -15.21 -7.46 21.08
C GLN B 496 -16.00 -8.27 22.09
N ALA B 497 -15.96 -9.56 21.91
CA ALA B 497 -16.57 -10.45 22.90
C ALA B 497 -15.85 -10.35 24.23
N PHE B 498 -14.64 -9.80 24.20
CA PHE B 498 -13.80 -9.71 25.39
C PHE B 498 -13.37 -8.29 25.71
N GLY B 499 -14.07 -7.31 25.12
CA GLY B 499 -13.81 -5.91 25.41
C GLY B 499 -12.39 -5.45 25.12
N ILE B 500 -11.88 -5.76 23.94
CA ILE B 500 -10.55 -5.32 23.57
C ILE B 500 -10.64 -4.21 22.55
N ASP B 501 -11.09 -3.03 22.95
CA ASP B 501 -11.39 -1.91 22.07
C ASP B 501 -10.21 -1.45 21.20
N GLU B 502 -9.00 -1.78 21.61
CA GLU B 502 -7.81 -1.45 20.82
C GLU B 502 -7.51 -2.51 19.76
N ALA B 503 -8.33 -3.56 19.72
CA ALA B 503 -8.27 -4.53 18.64
C ALA B 503 -9.37 -4.21 17.64
N VAL B 504 -10.52 -3.80 18.18
CA VAL B 504 -11.63 -3.32 17.37
C VAL B 504 -11.23 -2.04 16.63
N THR B 505 -10.51 -1.16 17.33
CA THR B 505 -10.09 0.13 16.77
C THR B 505 -9.18 -0.01 15.54
N GLU B 506 -8.32 -1.03 15.54
CA GLU B 506 -7.41 -1.26 14.42
C GLU B 506 -8.04 -2.14 13.33
N ASN B 507 -8.84 -3.12 13.75
CA ASN B 507 -9.49 -4.01 12.81
C ASN B 507 -10.62 -3.30 12.08
N LEU B 508 -11.09 -2.20 12.66
CA LEU B 508 -12.12 -1.39 12.03
C LEU B 508 -11.50 -0.59 10.89
N LYS B 509 -10.30 -0.08 11.14
CA LYS B 509 -9.53 0.59 10.10
C LYS B 509 -9.22 -0.40 8.99
N ALA B 510 -8.81 -1.62 9.40
CA ALA B 510 -8.58 -2.71 8.47
C ALA B 510 -9.80 -2.92 7.59
N LEU B 511 -10.96 -2.91 8.24
CA LEU B 511 -12.24 -3.02 7.54
C LEU B 511 -12.42 -1.87 6.55
N LYS B 512 -11.95 -0.69 6.93
CA LYS B 512 -12.12 0.49 6.08
C LYS B 512 -11.29 0.44 4.79
N GLU B 513 -10.00 0.14 4.91
CA GLU B 513 -9.21 0.06 3.68
C GLU B 513 -9.56 -1.20 2.89
N GLN B 514 -10.06 -2.23 3.57
CA GLN B 514 -10.56 -3.41 2.88
C GLN B 514 -11.76 -3.01 2.03
N PHE B 515 -12.62 -2.18 2.62
CA PHE B 515 -13.76 -1.59 1.91
C PHE B 515 -13.25 -0.91 0.66
N ILE B 516 -12.26 -0.03 0.83
CA ILE B 516 -11.67 0.70 -0.29
C ILE B 516 -11.20 -0.20 -1.41
N ALA B 517 -10.37 -1.18 -1.07
CA ALA B 517 -9.83 -2.12 -2.06
C ALA B 517 -10.95 -2.87 -2.79
N PHE B 518 -12.03 -3.19 -2.07
CA PHE B 518 -13.16 -3.85 -2.70
C PHE B 518 -13.85 -2.93 -3.71
N GLN B 519 -14.07 -1.68 -3.32
CA GLN B 519 -14.74 -0.72 -4.17
C GLN B 519 -14.08 -0.59 -5.55
N LEU B 520 -12.83 -0.14 -5.59
CA LEU B 520 -12.12 0.02 -6.86
C LEU B 520 -11.72 -1.29 -7.51
N ALA B 521 -12.66 -2.22 -7.63
CA ALA B 521 -12.34 -3.54 -8.14
C ALA B 521 -13.45 -4.08 -9.04
N ALA B 523 -15.13 -1.41 -9.36
CA ALA B 523 -15.16 -0.43 -10.43
C ALA B 523 -14.33 -0.89 -11.62
N ASP B 524 -13.22 -1.56 -11.33
CA ASP B 524 -12.28 -1.96 -12.37
C ASP B 524 -12.57 -3.33 -12.97
N ILE B 525 -13.77 -3.52 -13.50
CA ILE B 525 -14.11 -4.76 -14.20
C ILE B 525 -15.03 -4.60 -15.42
N LYS B 526 -14.49 -5.13 -16.52
CA LYS B 526 -15.16 -5.54 -17.73
C LYS B 526 -14.46 -6.69 -18.41
N LEU B 538 -22.96 -25.07 -28.59
CA LEU B 538 -24.16 -25.51 -27.91
C LEU B 538 -24.18 -25.07 -26.45
N PRO B 539 -25.38 -24.95 -25.87
CA PRO B 539 -25.56 -24.83 -24.41
C PRO B 539 -25.80 -26.22 -23.84
N ASN B 540 -24.73 -26.87 -23.41
CA ASN B 540 -24.71 -28.34 -23.23
C ASN B 540 -25.92 -29.00 -22.55
N LYS B 541 -26.45 -30.00 -23.25
CA LYS B 541 -27.62 -30.76 -22.81
C LYS B 541 -27.22 -31.86 -21.85
N GLU B 542 -25.93 -32.13 -21.76
CA GLU B 542 -25.44 -33.28 -20.98
C GLU B 542 -25.13 -32.95 -19.52
N SER B 543 -24.81 -31.68 -19.26
CA SER B 543 -24.45 -31.25 -17.91
C SER B 543 -24.35 -29.74 -17.80
N GLU B 544 -24.74 -29.22 -16.63
CA GLU B 544 -24.54 -27.82 -16.31
C GLU B 544 -23.13 -27.68 -15.74
N PHE B 545 -22.54 -28.82 -15.39
CA PHE B 545 -21.28 -28.84 -14.70
C PHE B 545 -20.06 -29.12 -15.59
N PHE B 546 -20.27 -29.85 -16.69
CA PHE B 546 -19.14 -30.20 -17.56
C PHE B 546 -19.38 -29.92 -19.05
N TYR B 547 -18.31 -29.72 -19.80
CA TYR B 547 -18.39 -29.51 -21.22
C TYR B 547 -18.42 -30.84 -21.92
N PRO B 548 -18.85 -30.87 -23.15
CA PRO B 548 -19.06 -32.17 -23.73
C PRO B 548 -17.86 -33.08 -23.60
N ILE B 549 -18.06 -34.24 -23.02
CA ILE B 549 -16.99 -35.20 -22.84
C ILE B 549 -17.27 -36.40 -23.72
N ASP B 550 -16.54 -36.51 -24.82
CA ASP B 550 -16.69 -37.64 -25.74
C ASP B 550 -16.45 -38.95 -25.01
N GLU B 551 -17.07 -40.02 -25.51
CA GLU B 551 -16.92 -41.35 -24.93
C GLU B 551 -15.44 -41.72 -24.85
N LYS B 552 -14.71 -41.35 -25.90
CA LYS B 552 -13.29 -41.60 -25.99
C LYS B 552 -12.52 -40.84 -24.92
N ALA B 553 -12.86 -39.56 -24.76
CA ALA B 553 -12.25 -38.72 -23.73
C ALA B 553 -12.63 -39.22 -22.34
N LEU B 554 -13.84 -39.74 -22.22
CA LEU B 554 -14.37 -40.22 -20.96
C LEU B 554 -13.68 -41.51 -20.52
N ALA B 555 -13.25 -42.31 -21.50
CA ALA B 555 -12.60 -43.59 -21.19
C ALA B 555 -11.16 -43.46 -20.74
N LYS B 556 -10.48 -42.40 -21.17
CA LYS B 556 -9.12 -42.13 -20.74
C LYS B 556 -9.04 -41.73 -19.29
N ASN B 558 -9.60 -42.21 -15.11
CA ASN B 558 -9.67 -43.15 -14.01
C ASN B 558 -10.97 -43.00 -13.24
N GLY B 559 -11.17 -43.90 -12.29
CA GLY B 559 -12.41 -43.96 -11.54
C GLY B 559 -12.55 -42.88 -10.48
N TYR B 560 -11.47 -42.15 -10.24
CA TYR B 560 -11.49 -41.08 -9.24
C TYR B 560 -12.09 -39.83 -9.88
N GLN B 561 -11.68 -39.59 -11.12
CA GLN B 561 -12.24 -38.49 -11.91
C GLN B 561 -13.69 -38.82 -12.31
N LEU B 562 -13.94 -40.08 -12.66
CA LEU B 562 -15.29 -40.52 -12.98
C LEU B 562 -16.22 -40.45 -11.78
N ALA B 563 -15.74 -40.85 -10.61
CA ALA B 563 -16.53 -40.78 -9.39
C ALA B 563 -16.77 -39.33 -8.98
N THR B 564 -15.77 -38.48 -9.18
CA THR B 564 -15.92 -37.06 -8.92
C THR B 564 -17.02 -36.46 -9.81
N ILE B 565 -16.99 -36.82 -11.09
CA ILE B 565 -18.02 -36.37 -12.02
C ILE B 565 -19.40 -36.86 -11.61
N CYS B 566 -19.48 -38.15 -11.28
CA CYS B 566 -20.74 -38.76 -10.84
C CYS B 566 -21.32 -38.04 -9.63
N LEU B 567 -20.47 -37.77 -8.64
CA LEU B 567 -20.90 -37.04 -7.45
C LEU B 567 -21.34 -35.62 -7.81
N GLU B 568 -20.66 -35.01 -8.77
CA GLU B 568 -20.98 -33.65 -9.18
C GLU B 568 -22.35 -33.58 -9.85
N GLU B 569 -22.66 -34.57 -10.67
CA GLU B 569 -23.89 -34.57 -11.45
C GLU B 569 -25.16 -34.76 -10.61
N LEU B 570 -24.97 -35.05 -9.33
CA LEU B 570 -26.08 -35.24 -8.42
C LEU B 570 -26.59 -33.92 -7.84
N ASN B 571 -25.91 -32.83 -8.18
CA ASN B 571 -26.34 -31.50 -7.74
C ASN B 571 -27.36 -30.90 -8.70
N SER B 572 -27.88 -31.75 -9.58
CA SER B 572 -28.93 -31.38 -10.52
C SER B 572 -30.19 -32.17 -10.20
N PRO B 573 -31.37 -31.54 -10.35
CA PRO B 573 -32.66 -32.15 -10.01
C PRO B 573 -32.96 -33.42 -10.80
N LYS B 574 -32.50 -33.48 -12.05
CA LYS B 574 -32.83 -34.59 -12.93
C LYS B 574 -31.59 -35.33 -13.42
N PRO B 575 -31.66 -36.67 -13.51
CA PRO B 575 -30.57 -37.53 -13.99
C PRO B 575 -30.02 -37.05 -15.32
N SER B 576 -28.91 -36.32 -15.29
CA SER B 576 -28.31 -35.79 -16.49
C SER B 576 -27.88 -36.90 -17.45
N PRO B 577 -27.90 -36.62 -18.76
CA PRO B 577 -27.48 -37.61 -19.76
C PRO B 577 -26.05 -38.07 -19.52
N LEU B 578 -25.20 -37.18 -19.03
CA LEU B 578 -23.80 -37.50 -18.75
C LEU B 578 -23.65 -38.65 -17.76
N ILE B 579 -24.22 -38.50 -16.57
CA ILE B 579 -24.09 -39.52 -15.53
C ILE B 579 -24.71 -40.85 -15.97
N GLU B 580 -25.72 -40.78 -16.83
CA GLU B 580 -26.31 -41.98 -17.41
C GLU B 580 -25.29 -42.64 -18.33
N ARG B 581 -24.54 -41.85 -19.06
CA ARG B 581 -23.55 -42.36 -19.98
C ARG B 581 -22.40 -42.95 -19.32
N ILE B 582 -22.10 -42.43 -18.15
CA ILE B 582 -21.04 -43.01 -17.33
C ILE B 582 -21.51 -44.31 -16.66
N LEU B 583 -22.74 -44.31 -16.16
CA LEU B 583 -23.24 -45.44 -15.37
C LEU B 583 -23.80 -46.59 -16.21
N SER B 584 -24.12 -46.32 -17.47
CA SER B 584 -24.64 -47.35 -18.36
C SER B 584 -23.50 -48.15 -18.98
N ASN B 585 -22.29 -47.60 -18.90
CA ASN B 585 -21.11 -48.26 -19.45
C ASN B 585 -20.53 -49.27 -18.44
N LYS B 586 -20.32 -50.51 -18.88
CA LYS B 586 -19.92 -51.58 -17.96
C LYS B 586 -18.43 -51.55 -17.59
N LYS B 587 -17.59 -50.96 -18.44
CA LYS B 587 -16.16 -50.88 -18.15
C LYS B 587 -15.88 -49.98 -16.94
N PHE B 588 -16.59 -48.86 -16.88
CA PHE B 588 -16.30 -47.82 -15.91
C PHE B 588 -16.56 -48.21 -14.45
N TRP B 589 -17.51 -49.11 -14.24
CA TRP B 589 -17.96 -49.39 -12.87
C TRP B 589 -16.89 -49.87 -11.92
N LYS B 590 -15.98 -50.72 -12.41
CA LYS B 590 -14.93 -51.26 -11.55
C LYS B 590 -14.09 -50.16 -10.93
N ARG B 591 -13.66 -49.21 -11.74
CA ARG B 591 -12.89 -48.09 -11.28
C ARG B 591 -13.65 -47.11 -10.41
N ILE B 592 -14.95 -47.05 -10.62
CA ILE B 592 -15.83 -46.15 -9.87
C ILE B 592 -16.13 -46.69 -8.48
N ASN B 593 -16.53 -47.95 -8.41
CA ASN B 593 -16.83 -48.64 -7.15
C ASN B 593 -15.55 -48.84 -6.34
N SER B 594 -14.45 -49.15 -7.03
CA SER B 594 -13.16 -49.27 -6.35
C SER B 594 -12.68 -47.92 -5.81
N ALA B 595 -13.03 -46.84 -6.50
CA ALA B 595 -12.70 -45.50 -6.02
C ALA B 595 -13.68 -45.08 -4.93
N PHE B 596 -14.82 -45.75 -4.89
CA PHE B 596 -15.89 -45.43 -3.95
C PHE B 596 -15.59 -46.04 -2.60
N GLU B 597 -15.12 -47.29 -2.60
CA GLU B 597 -14.82 -47.99 -1.36
C GLU B 597 -13.45 -47.64 -0.79
N SER B 598 -12.67 -46.88 -1.55
CA SER B 598 -11.35 -46.45 -1.12
C SER B 598 -11.44 -45.69 0.19
N GLY B 599 -12.43 -44.81 0.30
CA GLY B 599 -12.65 -44.04 1.51
C GLY B 599 -12.24 -42.60 1.33
N VAL B 600 -11.77 -42.28 0.13
CA VAL B 600 -11.31 -40.93 -0.19
C VAL B 600 -12.44 -39.91 -0.13
N PHE B 601 -13.63 -40.32 -0.57
CA PHE B 601 -14.73 -39.38 -0.74
C PHE B 601 -15.49 -39.03 0.53
N LYS B 602 -15.01 -39.52 1.68
CA LYS B 602 -15.58 -39.13 2.96
C LYS B 602 -15.11 -37.72 3.29
N GLY B 603 -15.78 -37.09 4.26
CA GLY B 603 -15.40 -35.76 4.67
C GLY B 603 -15.72 -34.68 3.64
N ARG B 604 -16.71 -34.96 2.80
CA ARG B 604 -17.22 -33.95 1.88
C ARG B 604 -18.48 -33.33 2.47
N THR B 605 -18.77 -32.09 2.10
CA THR B 605 -19.90 -31.36 2.68
C THR B 605 -21.26 -31.86 2.20
N ASP B 606 -21.37 -32.08 0.89
CA ASP B 606 -22.67 -32.36 0.28
C ASP B 606 -23.16 -33.80 0.42
N ASP B 607 -23.03 -34.37 1.62
CA ASP B 607 -23.52 -35.72 1.92
C ASP B 607 -22.99 -36.75 0.93
N PRO B 608 -21.73 -37.18 1.12
CA PRO B 608 -21.11 -38.15 0.21
C PRO B 608 -21.69 -39.55 0.36
N ALA B 609 -22.10 -39.93 1.56
CA ALA B 609 -22.65 -41.28 1.79
C ALA B 609 -23.93 -41.52 0.99
N GLY B 610 -24.90 -40.63 1.17
CA GLY B 610 -26.17 -40.72 0.47
C GLY B 610 -26.00 -40.63 -1.03
N LYS B 611 -25.14 -39.73 -1.47
CA LYS B 611 -24.82 -39.59 -2.88
C LYS B 611 -24.26 -40.89 -3.46
N ILE B 612 -23.23 -41.43 -2.82
CA ILE B 612 -22.62 -42.68 -3.27
C ILE B 612 -23.61 -43.84 -3.32
N ALA B 613 -24.43 -43.96 -2.27
CA ALA B 613 -25.43 -45.02 -2.23
C ALA B 613 -26.42 -44.86 -3.39
N LYS B 614 -26.80 -43.62 -3.63
CA LYS B 614 -27.70 -43.28 -4.73
C LYS B 614 -27.08 -43.74 -6.05
N ILE B 615 -25.81 -43.38 -6.25
CA ILE B 615 -25.09 -43.74 -7.47
C ILE B 615 -25.01 -45.26 -7.64
N ARG B 616 -24.86 -45.97 -6.53
CA ARG B 616 -24.82 -47.43 -6.58
C ARG B 616 -26.17 -48.00 -7.01
N GLU B 617 -27.27 -47.44 -6.51
CA GLU B 617 -28.59 -47.94 -6.90
C GLU B 617 -28.94 -47.55 -8.35
N TRP B 618 -28.53 -46.36 -8.78
CA TRP B 618 -28.71 -45.91 -10.15
C TRP B 618 -27.91 -46.80 -11.10
N HIS B 619 -26.76 -47.28 -10.61
CA HIS B 619 -25.96 -48.20 -11.40
C HIS B 619 -26.65 -49.54 -11.52
N GLN B 620 -26.96 -50.16 -10.39
CA GLN B 620 -27.55 -51.50 -10.41
C GLN B 620 -28.98 -51.51 -10.92
N LEU B 621 -29.53 -50.33 -11.21
CA LEU B 621 -30.84 -50.24 -11.84
C LEU B 621 -30.76 -50.66 -13.30
N LEU B 622 -29.73 -50.24 -13.99
CA LEU B 622 -29.53 -50.56 -15.39
C LEU B 622 -29.03 -51.97 -15.59
N GLN B 623 -29.98 -52.86 -15.91
CA GLN B 623 -29.71 -54.28 -16.12
C GLN B 623 -30.78 -54.95 -16.97
#